data_2H42
#
_entry.id   2H42
#
_cell.length_a   164.575
_cell.length_b   164.575
_cell.length_c   193.127
_cell.angle_alpha   90.00
_cell.angle_beta   90.00
_cell.angle_gamma   120.00
#
_symmetry.space_group_name_H-M   'P 62 2 2'
#
loop_
_entity.id
_entity.type
_entity.pdbx_description
1 polymer "cGMP-specific 3',5'-cyclic phosphodiesterase"
2 non-polymer 'ZINC ION'
3 non-polymer 'MAGNESIUM ION'
4 non-polymer 5-{2-ETHOXY-5-[(4-METHYLPIPERAZIN-1-YL)SULFONYL]PHENYL}-1-METHYL-3-PROPYL-1H,6H,7H-PYRAZOLO[4,3-D]PYRIMIDIN-7-ONE
5 water water
#
_entity_poly.entity_id   1
_entity_poly.type   'polypeptide(L)'
_entity_poly.pdbx_seq_one_letter_code
;EETRELQSLAAAVVPSAQTLKITDFSFSDFELSDLETALCTIRMFTDLNLVQNFQMKHEVLCRWILSVKKNYRKNVAYHN
WRHAFNTAQCMFAALKAGKIQNKLTDLEILALLIAALSHDLDHRGVNNSYIQRSEHPLAQLYCHSIMEHHHFDQCLMILN
SPGNQILSGLSIEEYKTTLKIIKQAILATDLALYIKRRGEFFELIRKNQFNLEDPHQKELFLAMLMTACDLSAITKPWPI
QQRIAELVATEFFDQGDRERKELNIEPTDLMNREKKNKIPSMQVGFIDAICLQLYEALTHVSEDCFPLLDGCRKNRQKWQ
ALAEQQ
;
_entity_poly.pdbx_strand_id   A,B,C
#
loop_
_chem_comp.id
_chem_comp.type
_chem_comp.name
_chem_comp.formula
MG non-polymer 'MAGNESIUM ION' 'Mg 2'
VIA non-polymer 5-{2-ETHOXY-5-[(4-METHYLPIPERAZIN-1-YL)SULFONYL]PHENYL}-1-METHYL-3-PROPYL-1H,6H,7H-PYRAZOLO[4,3-D]PYRIMIDIN-7-ONE 'C22 H30 N6 O4 S'
ZN non-polymer 'ZINC ION' 'Zn 2'
#
# COMPACT_ATOMS: atom_id res chain seq x y z
N GLU A 1 -16.08 3.97 -42.97
CA GLU A 1 -14.61 4.07 -43.25
C GLU A 1 -13.79 3.62 -42.05
N GLU A 2 -12.99 2.59 -42.25
CA GLU A 2 -12.13 2.06 -41.20
C GLU A 2 -11.11 3.12 -40.77
N THR A 3 -10.65 3.91 -41.74
CA THR A 3 -9.68 4.96 -41.47
C THR A 3 -10.30 6.07 -40.63
N ARG A 4 -11.58 6.32 -40.86
CA ARG A 4 -12.29 7.35 -40.12
C ARG A 4 -12.36 6.97 -38.65
N GLU A 5 -12.57 5.69 -38.38
CA GLU A 5 -12.64 5.20 -37.01
C GLU A 5 -11.26 5.33 -36.34
N LEU A 6 -10.22 4.99 -37.08
CA LEU A 6 -8.85 5.09 -36.55
C LEU A 6 -8.53 6.51 -36.16
N GLN A 7 -8.69 7.43 -37.11
CA GLN A 7 -8.43 8.84 -36.87
C GLN A 7 -9.15 9.32 -35.61
N SER A 8 -10.40 8.88 -35.42
CA SER A 8 -11.16 9.29 -34.24
C SER A 8 -10.55 8.73 -32.97
N LEU A 9 -10.14 7.47 -33.00
CA LEU A 9 -9.56 6.83 -31.84
C LEU A 9 -8.21 7.41 -31.45
N ALA A 10 -7.29 7.44 -32.42
CA ALA A 10 -5.95 7.95 -32.17
C ALA A 10 -5.91 9.41 -31.72
N ALA A 11 -6.96 10.17 -32.03
CA ALA A 11 -7.01 11.58 -31.66
C ALA A 11 -7.79 11.90 -30.38
N ALA A 12 -8.57 10.93 -29.91
CA ALA A 12 -9.37 11.14 -28.70
C ALA A 12 -8.50 11.12 -27.45
N VAL A 13 -8.97 11.78 -26.39
CA VAL A 13 -8.22 11.77 -25.14
C VAL A 13 -8.63 10.50 -24.40
N VAL A 14 -7.65 9.82 -23.83
CA VAL A 14 -7.90 8.59 -23.08
C VAL A 14 -8.18 8.89 -21.61
N PRO A 15 -9.45 8.82 -21.19
CA PRO A 15 -9.76 9.10 -19.78
C PRO A 15 -9.02 8.17 -18.82
N SER A 16 -8.94 8.58 -17.55
CA SER A 16 -8.23 7.79 -16.55
C SER A 16 -8.93 6.47 -16.24
N ALA A 17 -8.15 5.50 -15.78
CA ALA A 17 -8.67 4.19 -15.43
C ALA A 17 -9.84 4.36 -14.45
N GLN A 18 -9.70 5.29 -13.52
CA GLN A 18 -10.74 5.54 -12.53
C GLN A 18 -12.05 6.01 -13.15
N THR A 19 -11.97 6.98 -14.07
CA THR A 19 -13.16 7.49 -14.73
C THR A 19 -13.81 6.37 -15.54
N LEU A 20 -12.97 5.56 -16.18
CA LEU A 20 -13.44 4.44 -16.99
C LEU A 20 -13.98 3.28 -16.16
N LYS A 21 -13.62 3.25 -14.87
CA LYS A 21 -14.07 2.21 -13.96
C LYS A 21 -13.57 0.81 -14.35
N ILE A 22 -12.53 0.77 -15.15
CA ILE A 22 -12.00 -0.52 -15.59
C ILE A 22 -11.32 -1.26 -14.45
N THR A 23 -11.29 -0.65 -13.27
CA THR A 23 -10.65 -1.27 -12.12
C THR A 23 -11.65 -2.11 -11.33
N ASP A 24 -12.94 -1.90 -11.56
CA ASP A 24 -13.98 -2.63 -10.83
C ASP A 24 -14.30 -4.00 -11.40
N PHE A 25 -14.29 -5.00 -10.53
CA PHE A 25 -14.63 -6.35 -10.95
C PHE A 25 -16.08 -6.32 -11.43
N SER A 26 -16.83 -5.31 -10.98
CA SER A 26 -18.24 -5.17 -11.36
C SER A 26 -18.45 -4.38 -12.65
N PHE A 27 -17.36 -4.01 -13.30
CA PHE A 27 -17.43 -3.25 -14.54
C PHE A 27 -18.39 -3.82 -15.58
N SER A 28 -19.14 -2.93 -16.22
CA SER A 28 -20.08 -3.31 -17.27
C SER A 28 -19.75 -2.50 -18.52
N ASP A 29 -20.03 -3.07 -19.70
CA ASP A 29 -19.72 -2.38 -20.95
C ASP A 29 -20.98 -1.97 -21.70
N PHE A 30 -22.14 -2.34 -21.19
CA PHE A 30 -23.40 -2.03 -21.86
C PHE A 30 -23.59 -0.57 -22.28
N GLU A 31 -23.17 0.37 -21.45
CA GLU A 31 -23.33 1.78 -21.77
C GLU A 31 -22.14 2.38 -22.53
N LEU A 32 -21.24 1.53 -23.01
CA LEU A 32 -20.08 2.03 -23.73
C LEU A 32 -20.20 1.80 -25.23
N SER A 33 -19.67 2.73 -26.02
CA SER A 33 -19.69 2.61 -27.47
C SER A 33 -18.39 1.92 -27.85
N ASP A 34 -18.34 1.37 -29.06
CA ASP A 34 -17.13 0.71 -29.54
C ASP A 34 -15.91 1.57 -29.30
N LEU A 35 -16.04 2.86 -29.61
CA LEU A 35 -14.95 3.80 -29.42
C LEU A 35 -14.52 3.82 -27.96
N GLU A 36 -15.49 3.90 -27.06
CA GLU A 36 -15.19 3.91 -25.64
C GLU A 36 -14.53 2.63 -25.17
N THR A 37 -14.93 1.48 -25.71
CA THR A 37 -14.29 0.23 -25.29
C THR A 37 -12.85 0.25 -25.76
N ALA A 38 -12.62 0.87 -26.92
CA ALA A 38 -11.27 0.96 -27.48
C ALA A 38 -10.43 1.86 -26.58
N LEU A 39 -11.02 2.95 -26.12
CA LEU A 39 -10.33 3.87 -25.22
C LEU A 39 -9.98 3.15 -23.92
N CYS A 40 -10.89 2.28 -23.45
CA CYS A 40 -10.66 1.52 -22.22
C CYS A 40 -9.46 0.58 -22.41
N THR A 41 -9.40 -0.04 -23.58
CA THR A 41 -8.33 -0.98 -23.88
C THR A 41 -6.98 -0.27 -23.91
N ILE A 42 -6.96 0.96 -24.40
CA ILE A 42 -5.72 1.74 -24.42
C ILE A 42 -5.31 2.04 -22.98
N ARG A 43 -6.27 2.46 -22.17
CA ARG A 43 -6.01 2.76 -20.77
C ARG A 43 -5.44 1.51 -20.08
N MET A 44 -5.86 0.33 -20.50
CA MET A 44 -5.37 -0.91 -19.91
C MET A 44 -3.89 -1.14 -20.21
N PHE A 45 -3.50 -0.97 -21.47
CA PHE A 45 -2.10 -1.14 -21.85
C PHE A 45 -1.23 -0.09 -21.16
N THR A 46 -1.73 1.13 -21.10
CA THR A 46 -1.01 2.24 -20.50
C THR A 46 -0.77 2.04 -19.00
N ASP A 47 -1.84 1.90 -18.23
CA ASP A 47 -1.73 1.73 -16.79
C ASP A 47 -1.03 0.46 -16.31
N LEU A 48 -0.83 -0.50 -17.20
CA LEU A 48 -0.10 -1.72 -16.85
C LEU A 48 1.33 -1.49 -17.33
N ASN A 49 1.59 -0.24 -17.72
CA ASN A 49 2.89 0.23 -18.22
C ASN A 49 3.44 -0.56 -19.40
N LEU A 50 2.54 -1.15 -20.19
CA LEU A 50 2.97 -1.93 -21.35
C LEU A 50 3.41 -1.01 -22.50
N VAL A 51 2.74 0.13 -22.63
CA VAL A 51 3.07 1.07 -23.69
C VAL A 51 4.46 1.65 -23.44
N GLN A 52 4.75 1.96 -22.19
CA GLN A 52 6.05 2.52 -21.82
C GLN A 52 7.18 1.49 -21.90
N ASN A 53 7.08 0.42 -21.12
CA ASN A 53 8.12 -0.61 -21.10
C ASN A 53 8.43 -1.24 -22.45
N PHE A 54 7.47 -1.21 -23.38
CA PHE A 54 7.69 -1.81 -24.69
C PHE A 54 7.63 -0.82 -25.86
N GLN A 55 7.71 0.46 -25.53
CA GLN A 55 7.67 1.57 -26.50
C GLN A 55 6.70 1.38 -27.66
N MET A 56 5.41 1.37 -27.35
CA MET A 56 4.41 1.19 -28.38
C MET A 56 3.98 2.56 -28.88
N LYS A 57 3.78 2.67 -30.19
CA LYS A 57 3.34 3.93 -30.75
C LYS A 57 1.84 4.02 -30.62
N HIS A 58 1.36 5.19 -30.17
CA HIS A 58 -0.06 5.40 -29.98
C HIS A 58 -0.89 4.94 -31.16
N GLU A 59 -0.59 5.46 -32.35
CA GLU A 59 -1.32 5.10 -33.55
C GLU A 59 -1.29 3.59 -33.84
N VAL A 60 -0.13 2.97 -33.66
CA VAL A 60 -0.02 1.53 -33.92
C VAL A 60 -0.86 0.71 -32.94
N LEU A 61 -0.94 1.14 -31.68
CA LEU A 61 -1.74 0.42 -30.68
C LEU A 61 -3.21 0.56 -31.04
N CYS A 62 -3.63 1.78 -31.39
CA CYS A 62 -5.00 2.03 -31.77
C CYS A 62 -5.38 1.16 -32.95
N ARG A 63 -4.49 1.08 -33.91
CA ARG A 63 -4.77 0.28 -35.11
C ARG A 63 -4.90 -1.20 -34.75
N TRP A 64 -4.01 -1.69 -33.92
CA TRP A 64 -4.05 -3.09 -33.51
C TRP A 64 -5.36 -3.38 -32.76
N ILE A 65 -5.77 -2.46 -31.89
CA ILE A 65 -7.00 -2.63 -31.14
C ILE A 65 -8.21 -2.67 -32.08
N LEU A 66 -8.18 -1.83 -33.10
CA LEU A 66 -9.28 -1.77 -34.05
C LEU A 66 -9.28 -3.01 -34.95
N SER A 67 -8.09 -3.54 -35.24
CA SER A 67 -8.00 -4.74 -36.06
C SER A 67 -8.56 -5.94 -35.31
N VAL A 68 -8.25 -6.01 -34.01
CA VAL A 68 -8.73 -7.11 -33.17
C VAL A 68 -10.24 -7.04 -33.08
N LYS A 69 -10.75 -5.85 -32.82
CA LYS A 69 -12.20 -5.65 -32.71
C LYS A 69 -12.88 -6.06 -34.00
N LYS A 70 -12.31 -5.65 -35.12
CA LYS A 70 -12.87 -5.94 -36.43
C LYS A 70 -12.94 -7.43 -36.75
N ASN A 71 -11.98 -8.20 -36.25
CA ASN A 71 -11.98 -9.63 -36.54
C ASN A 71 -12.89 -10.51 -35.69
N TYR A 72 -13.77 -9.87 -34.93
CA TYR A 72 -14.76 -10.59 -34.13
C TYR A 72 -16.05 -10.44 -34.92
N ARG A 73 -16.89 -11.46 -34.88
CA ARG A 73 -18.15 -11.42 -35.62
C ARG A 73 -19.29 -10.86 -34.76
N LYS A 74 -19.72 -9.65 -35.10
CA LYS A 74 -20.80 -9.00 -34.38
C LYS A 74 -22.11 -9.80 -34.45
N ASN A 75 -22.22 -10.68 -35.45
CA ASN A 75 -23.41 -11.51 -35.62
C ASN A 75 -23.51 -12.69 -34.64
N VAL A 76 -22.42 -12.96 -33.92
CA VAL A 76 -22.42 -14.04 -32.94
C VAL A 76 -22.86 -13.44 -31.62
N ALA A 77 -23.96 -13.97 -31.08
CA ALA A 77 -24.57 -13.48 -29.86
C ALA A 77 -23.67 -13.18 -28.65
N TYR A 78 -22.85 -14.14 -28.23
CA TYR A 78 -22.00 -13.93 -27.07
C TYR A 78 -20.51 -13.76 -27.37
N HIS A 79 -19.93 -14.72 -28.07
CA HIS A 79 -18.50 -14.67 -28.41
C HIS A 79 -18.16 -13.66 -29.49
N ASN A 80 -18.21 -12.39 -29.11
CA ASN A 80 -17.91 -11.27 -30.00
C ASN A 80 -16.94 -10.35 -29.27
N TRP A 81 -16.64 -9.20 -29.89
CA TRP A 81 -15.72 -8.23 -29.33
C TRP A 81 -15.99 -7.88 -27.86
N ARG A 82 -17.26 -7.71 -27.51
CA ARG A 82 -17.63 -7.36 -26.14
C ARG A 82 -17.18 -8.41 -25.12
N HIS A 83 -17.26 -9.68 -25.47
CA HIS A 83 -16.83 -10.72 -24.56
C HIS A 83 -15.31 -10.66 -24.37
N ALA A 84 -14.60 -10.46 -25.46
CA ALA A 84 -13.13 -10.39 -25.43
C ALA A 84 -12.72 -9.17 -24.62
N PHE A 85 -13.41 -8.07 -24.85
CA PHE A 85 -13.12 -6.83 -24.15
C PHE A 85 -13.32 -7.03 -22.64
N ASN A 86 -14.44 -7.63 -22.26
CA ASN A 86 -14.74 -7.89 -20.85
C ASN A 86 -13.72 -8.83 -20.22
N THR A 87 -13.26 -9.80 -21.00
CA THR A 87 -12.27 -10.76 -20.50
C THR A 87 -11.00 -9.99 -20.17
N ALA A 88 -10.60 -9.08 -21.07
CA ALA A 88 -9.40 -8.29 -20.87
C ALA A 88 -9.61 -7.34 -19.69
N GLN A 89 -10.80 -6.77 -19.57
CA GLN A 89 -11.09 -5.87 -18.46
C GLN A 89 -11.01 -6.61 -17.12
N CYS A 90 -11.46 -7.86 -17.11
CA CYS A 90 -11.42 -8.66 -15.90
C CYS A 90 -9.98 -8.98 -15.58
N MET A 91 -9.18 -9.18 -16.61
CA MET A 91 -7.77 -9.51 -16.44
C MET A 91 -7.10 -8.28 -15.82
N PHE A 92 -7.47 -7.10 -16.32
CA PHE A 92 -6.91 -5.85 -15.79
C PHE A 92 -7.28 -5.69 -14.32
N ALA A 93 -8.55 -5.89 -13.99
CA ALA A 93 -9.01 -5.75 -12.61
C ALA A 93 -8.34 -6.76 -11.67
N ALA A 94 -8.11 -7.97 -12.17
CA ALA A 94 -7.46 -9.00 -11.37
C ALA A 94 -6.00 -8.64 -11.10
N LEU A 95 -5.33 -8.10 -12.11
CA LEU A 95 -3.93 -7.72 -11.98
C LEU A 95 -3.77 -6.55 -11.01
N LYS A 96 -4.66 -5.58 -11.11
CA LYS A 96 -4.64 -4.38 -10.27
C LYS A 96 -5.32 -4.56 -8.91
N ALA A 97 -6.66 -4.54 -8.91
CA ALA A 97 -7.42 -4.69 -7.68
C ALA A 97 -7.25 -6.07 -7.04
N GLY A 98 -7.08 -7.09 -7.87
CA GLY A 98 -6.90 -8.45 -7.35
C GLY A 98 -5.46 -8.70 -6.98
N LYS A 99 -4.60 -7.72 -7.25
CA LYS A 99 -3.17 -7.78 -6.93
C LYS A 99 -2.37 -8.96 -7.49
N ILE A 100 -2.73 -9.44 -8.68
CA ILE A 100 -2.01 -10.54 -9.29
C ILE A 100 -0.79 -10.00 -10.03
N GLN A 101 -0.85 -8.71 -10.34
CA GLN A 101 0.22 -8.03 -11.05
C GLN A 101 1.64 -8.26 -10.56
N ASN A 102 1.88 -8.13 -9.26
CA ASN A 102 3.25 -8.30 -8.75
C ASN A 102 3.75 -9.73 -8.64
N LYS A 103 2.92 -10.69 -9.05
CA LYS A 103 3.33 -12.09 -9.01
C LYS A 103 3.78 -12.53 -10.41
N LEU A 104 3.71 -11.61 -11.38
CA LEU A 104 4.07 -11.93 -12.76
C LEU A 104 5.13 -11.00 -13.36
N THR A 105 5.78 -11.48 -14.41
CA THR A 105 6.79 -10.68 -15.11
C THR A 105 6.09 -9.71 -16.06
N ASP A 106 6.83 -8.73 -16.56
CA ASP A 106 6.27 -7.76 -17.48
C ASP A 106 5.87 -8.42 -18.80
N LEU A 107 6.58 -9.46 -19.19
CA LEU A 107 6.25 -10.16 -20.42
C LEU A 107 4.94 -10.93 -20.25
N GLU A 108 4.81 -11.60 -19.11
CA GLU A 108 3.61 -12.39 -18.84
C GLU A 108 2.38 -11.51 -18.80
N ILE A 109 2.54 -10.30 -18.28
CA ILE A 109 1.41 -9.37 -18.22
C ILE A 109 1.09 -8.92 -19.64
N LEU A 110 2.13 -8.73 -20.44
CA LEU A 110 1.95 -8.30 -21.82
C LEU A 110 1.15 -9.37 -22.56
N ALA A 111 1.63 -10.61 -22.45
CA ALA A 111 0.98 -11.74 -23.09
C ALA A 111 -0.46 -11.93 -22.64
N LEU A 112 -0.70 -11.79 -21.34
CA LEU A 112 -2.04 -11.98 -20.81
C LEU A 112 -3.08 -11.01 -21.33
N LEU A 113 -2.74 -9.73 -21.43
CA LEU A 113 -3.71 -8.74 -21.91
C LEU A 113 -3.99 -9.00 -23.38
N ILE A 114 -2.93 -9.28 -24.15
CA ILE A 114 -3.07 -9.57 -25.56
C ILE A 114 -3.90 -10.85 -25.76
N ALA A 115 -3.61 -11.88 -24.97
CA ALA A 115 -4.35 -13.14 -25.08
C ALA A 115 -5.83 -12.95 -24.73
N ALA A 116 -6.10 -12.21 -23.65
CA ALA A 116 -7.48 -11.98 -23.23
C ALA A 116 -8.28 -11.32 -24.32
N LEU A 117 -7.63 -10.41 -25.06
CA LEU A 117 -8.29 -9.69 -26.14
C LEU A 117 -8.42 -10.52 -27.42
N SER A 118 -7.53 -11.48 -27.60
CA SER A 118 -7.50 -12.29 -28.82
C SER A 118 -7.95 -13.74 -28.71
N HIS A 119 -8.30 -14.22 -27.52
CA HIS A 119 -8.64 -15.64 -27.36
C HIS A 119 -9.86 -16.21 -28.10
N ASP A 120 -10.78 -15.38 -28.58
CA ASP A 120 -11.92 -15.92 -29.32
C ASP A 120 -12.03 -15.32 -30.72
N LEU A 121 -10.90 -14.83 -31.24
CA LEU A 121 -10.88 -14.23 -32.57
C LEU A 121 -11.52 -15.08 -33.65
N ASP A 122 -12.40 -14.45 -34.45
CA ASP A 122 -13.08 -15.10 -35.55
C ASP A 122 -13.91 -16.30 -35.11
N HIS A 123 -14.51 -16.20 -33.93
CA HIS A 123 -15.36 -17.26 -33.39
C HIS A 123 -16.65 -17.27 -34.21
N ARG A 124 -17.16 -18.47 -34.51
CA ARG A 124 -18.39 -18.59 -35.31
C ARG A 124 -19.63 -18.96 -34.51
N GLY A 125 -19.50 -18.98 -33.19
CA GLY A 125 -20.63 -19.32 -32.34
C GLY A 125 -20.82 -20.81 -32.15
N VAL A 126 -19.77 -21.59 -32.39
CA VAL A 126 -19.83 -23.04 -32.21
C VAL A 126 -19.34 -23.40 -30.82
N ASN A 127 -20.18 -24.11 -30.07
CA ASN A 127 -19.82 -24.50 -28.72
C ASN A 127 -19.94 -26.01 -28.53
N ASN A 128 -19.04 -26.58 -27.74
CA ASN A 128 -19.02 -28.01 -27.49
C ASN A 128 -19.63 -28.31 -26.12
N SER A 129 -20.87 -28.79 -26.13
CA SER A 129 -21.61 -29.13 -24.93
C SER A 129 -21.04 -30.31 -24.14
N TYR A 130 -20.25 -31.16 -24.80
CA TYR A 130 -19.65 -32.32 -24.16
C TYR A 130 -18.49 -31.85 -23.28
N ILE A 131 -18.81 -31.40 -22.07
CA ILE A 131 -17.80 -30.86 -21.15
C ILE A 131 -16.80 -31.84 -20.54
N GLN A 132 -17.04 -33.12 -20.69
CA GLN A 132 -16.14 -34.13 -20.11
C GLN A 132 -15.25 -34.78 -21.16
N ARG A 133 -15.21 -34.19 -22.35
CA ARG A 133 -14.41 -34.73 -23.45
C ARG A 133 -12.93 -34.92 -23.16
N SER A 134 -12.38 -34.17 -22.21
CA SER A 134 -10.96 -34.29 -21.90
C SER A 134 -10.66 -35.49 -21.00
N GLU A 135 -11.66 -35.93 -20.24
CA GLU A 135 -11.46 -37.06 -19.32
C GLU A 135 -11.94 -38.41 -19.86
N HIS A 136 -12.36 -38.44 -21.13
CA HIS A 136 -12.83 -39.70 -21.72
C HIS A 136 -11.65 -40.62 -21.99
N PRO A 137 -11.83 -41.93 -21.79
CA PRO A 137 -10.75 -42.89 -22.02
C PRO A 137 -10.01 -42.70 -23.35
N LEU A 138 -10.72 -42.23 -24.37
CA LEU A 138 -10.13 -42.05 -25.70
C LEU A 138 -9.95 -40.58 -26.10
N ALA A 139 -9.94 -39.70 -25.11
CA ALA A 139 -9.78 -38.27 -25.34
C ALA A 139 -8.62 -37.94 -26.29
N GLN A 140 -7.54 -38.72 -26.21
CA GLN A 140 -6.37 -38.48 -27.04
C GLN A 140 -6.60 -38.80 -28.51
N LEU A 141 -7.75 -39.37 -28.83
CA LEU A 141 -8.05 -39.71 -30.21
C LEU A 141 -8.65 -38.59 -31.03
N TYR A 142 -9.39 -37.69 -30.38
CA TYR A 142 -9.97 -36.58 -31.13
C TYR A 142 -9.29 -35.25 -30.85
N CYS A 143 -8.42 -34.85 -31.78
CA CYS A 143 -7.67 -33.59 -31.69
C CYS A 143 -8.44 -32.55 -30.89
N HIS A 144 -7.78 -32.01 -29.88
CA HIS A 144 -8.39 -31.01 -29.01
C HIS A 144 -7.99 -29.58 -29.36
N SER A 145 -8.81 -28.64 -28.86
CA SER A 145 -8.57 -27.21 -29.02
C SER A 145 -8.39 -26.72 -30.45
N ILE A 146 -9.09 -27.35 -31.39
CA ILE A 146 -8.97 -26.96 -32.78
C ILE A 146 -9.27 -25.47 -32.99
N MET A 147 -10.41 -25.00 -32.52
CA MET A 147 -10.77 -23.60 -32.67
C MET A 147 -9.82 -22.66 -31.93
N GLU A 148 -9.31 -23.10 -30.79
CA GLU A 148 -8.40 -22.26 -30.03
C GLU A 148 -7.12 -22.04 -30.83
N HIS A 149 -6.71 -23.06 -31.59
CA HIS A 149 -5.52 -22.95 -32.43
C HIS A 149 -5.78 -21.92 -33.51
N HIS A 150 -7.03 -21.85 -33.95
CA HIS A 150 -7.43 -20.88 -34.96
C HIS A 150 -7.39 -19.48 -34.36
N HIS A 151 -7.94 -19.33 -33.16
CA HIS A 151 -7.95 -18.03 -32.49
C HIS A 151 -6.54 -17.48 -32.40
N PHE A 152 -5.59 -18.33 -32.01
CA PHE A 152 -4.21 -17.91 -31.90
C PHE A 152 -3.66 -17.51 -33.25
N ASP A 153 -3.83 -18.37 -34.25
CA ASP A 153 -3.35 -18.06 -35.60
C ASP A 153 -3.83 -16.68 -35.98
N GLN A 154 -5.09 -16.40 -35.68
CA GLN A 154 -5.68 -15.10 -35.98
C GLN A 154 -4.94 -14.04 -35.20
N CYS A 155 -4.71 -14.32 -33.92
CA CYS A 155 -4.01 -13.39 -33.04
C CYS A 155 -2.65 -13.05 -33.59
N LEU A 156 -1.90 -14.07 -33.99
CA LEU A 156 -0.57 -13.91 -34.53
C LEU A 156 -0.59 -13.13 -35.84
N MET A 157 -1.59 -13.41 -36.67
CA MET A 157 -1.75 -12.73 -37.95
C MET A 157 -1.88 -11.22 -37.75
N ILE A 158 -2.77 -10.83 -36.84
CA ILE A 158 -3.01 -9.42 -36.58
C ILE A 158 -1.79 -8.73 -35.97
N LEU A 159 -1.02 -9.46 -35.16
CA LEU A 159 0.18 -8.91 -34.55
C LEU A 159 1.23 -8.60 -35.61
N ASN A 160 1.32 -9.46 -36.63
CA ASN A 160 2.29 -9.28 -37.71
C ASN A 160 1.79 -8.40 -38.86
N SER A 161 0.61 -7.79 -38.70
CA SER A 161 0.05 -6.94 -39.76
C SER A 161 0.69 -5.55 -39.78
N PRO A 162 1.16 -5.12 -40.96
CA PRO A 162 1.79 -3.81 -41.08
C PRO A 162 0.96 -2.71 -40.42
N GLY A 163 1.61 -1.94 -39.55
CA GLY A 163 0.91 -0.88 -38.85
C GLY A 163 0.23 -1.34 -37.57
N ASN A 164 0.22 -2.65 -37.34
CA ASN A 164 -0.42 -3.23 -36.16
C ASN A 164 0.58 -3.95 -35.25
N GLN A 165 1.88 -3.74 -35.48
CA GLN A 165 2.90 -4.46 -34.71
C GLN A 165 3.31 -3.90 -33.34
N ILE A 166 2.41 -4.02 -32.38
CA ILE A 166 2.65 -3.54 -31.02
C ILE A 166 3.80 -4.26 -30.31
N LEU A 167 4.27 -5.36 -30.90
CA LEU A 167 5.38 -6.11 -30.30
C LEU A 167 6.68 -5.90 -31.09
N SER A 168 6.75 -4.82 -31.86
CA SER A 168 7.95 -4.56 -32.66
C SER A 168 9.11 -4.12 -31.77
N GLY A 169 8.81 -3.41 -30.69
CA GLY A 169 9.83 -2.95 -29.78
C GLY A 169 10.47 -4.02 -28.92
N LEU A 170 10.07 -5.28 -29.11
CA LEU A 170 10.64 -6.38 -28.31
C LEU A 170 11.88 -6.96 -28.97
N SER A 171 12.70 -7.63 -28.16
CA SER A 171 13.90 -8.27 -28.66
C SER A 171 13.45 -9.55 -29.34
N ILE A 172 14.36 -10.21 -30.06
CA ILE A 172 14.02 -11.46 -30.74
C ILE A 172 13.59 -12.49 -29.70
N GLU A 173 14.26 -12.48 -28.55
CA GLU A 173 13.95 -13.40 -27.47
C GLU A 173 12.64 -13.05 -26.78
N GLU A 174 12.56 -11.82 -26.27
CA GLU A 174 11.35 -11.35 -25.61
C GLU A 174 10.12 -11.69 -26.44
N TYR A 175 10.24 -11.50 -27.75
CA TYR A 175 9.14 -11.80 -28.67
C TYR A 175 8.78 -13.29 -28.61
N LYS A 176 9.79 -14.15 -28.75
CA LYS A 176 9.54 -15.58 -28.72
C LYS A 176 8.87 -16.01 -27.42
N THR A 177 9.39 -15.50 -26.31
CA THR A 177 8.84 -15.82 -25.00
C THR A 177 7.37 -15.39 -24.94
N THR A 178 7.13 -14.13 -25.30
CA THR A 178 5.79 -13.56 -25.26
C THR A 178 4.79 -14.34 -26.13
N LEU A 179 5.22 -14.74 -27.32
CA LEU A 179 4.34 -15.49 -28.21
C LEU A 179 3.98 -16.87 -27.67
N LYS A 180 4.92 -17.50 -26.96
CA LYS A 180 4.66 -18.82 -26.40
C LYS A 180 3.64 -18.69 -25.28
N ILE A 181 3.82 -17.67 -24.43
CA ILE A 181 2.91 -17.44 -23.32
C ILE A 181 1.51 -17.17 -23.84
N ILE A 182 1.43 -16.35 -24.89
CA ILE A 182 0.15 -16.02 -25.51
C ILE A 182 -0.54 -17.27 -26.03
N LYS A 183 0.19 -18.08 -26.80
CA LYS A 183 -0.37 -19.29 -27.37
C LYS A 183 -0.96 -20.20 -26.30
N GLN A 184 -0.24 -20.36 -25.19
CA GLN A 184 -0.72 -21.21 -24.11
C GLN A 184 -1.93 -20.59 -23.44
N ALA A 185 -1.88 -19.27 -23.22
CA ALA A 185 -2.98 -18.56 -22.59
C ALA A 185 -4.25 -18.72 -23.42
N ILE A 186 -4.11 -18.61 -24.74
CA ILE A 186 -5.26 -18.74 -25.63
C ILE A 186 -5.79 -20.18 -25.61
N LEU A 187 -4.90 -21.16 -25.73
CA LEU A 187 -5.32 -22.55 -25.72
C LEU A 187 -6.00 -22.91 -24.41
N ALA A 188 -5.56 -22.26 -23.33
CA ALA A 188 -6.16 -22.52 -22.04
C ALA A 188 -7.66 -22.20 -22.01
N THR A 189 -8.11 -21.32 -22.90
CA THR A 189 -9.54 -20.97 -22.91
C THR A 189 -10.44 -22.09 -23.45
N ASP A 190 -9.84 -23.19 -23.87
CA ASP A 190 -10.63 -24.35 -24.30
C ASP A 190 -11.08 -24.91 -22.95
N LEU A 191 -12.36 -24.79 -22.63
CA LEU A 191 -12.86 -25.26 -21.33
C LEU A 191 -12.42 -26.69 -20.99
N ALA A 192 -12.22 -27.52 -22.01
CA ALA A 192 -11.79 -28.90 -21.78
C ALA A 192 -10.42 -28.96 -21.07
N LEU A 193 -9.51 -28.08 -21.47
CA LEU A 193 -8.20 -28.05 -20.84
C LEU A 193 -8.33 -27.59 -19.38
N TYR A 194 -9.34 -26.77 -19.10
CA TYR A 194 -9.55 -26.29 -17.73
C TYR A 194 -9.97 -27.50 -16.87
N ILE A 195 -10.89 -28.28 -17.41
CA ILE A 195 -11.41 -29.48 -16.75
C ILE A 195 -10.27 -30.47 -16.52
N LYS A 196 -9.38 -30.59 -17.51
CA LYS A 196 -8.27 -31.52 -17.40
C LYS A 196 -7.21 -31.14 -16.36
N ARG A 197 -6.89 -29.86 -16.27
CA ARG A 197 -5.84 -29.41 -15.35
C ARG A 197 -6.24 -28.77 -14.03
N ARG A 198 -7.51 -28.43 -13.83
CA ARG A 198 -7.90 -27.79 -12.58
C ARG A 198 -7.60 -28.63 -11.34
N GLY A 199 -7.83 -29.94 -11.44
CA GLY A 199 -7.58 -30.82 -10.32
C GLY A 199 -6.19 -30.62 -9.76
N GLU A 200 -5.21 -30.60 -10.65
CA GLU A 200 -3.81 -30.42 -10.28
C GLU A 200 -3.59 -29.09 -9.57
N PHE A 201 -4.18 -28.04 -10.13
CA PHE A 201 -4.07 -26.70 -9.57
C PHE A 201 -4.67 -26.63 -8.16
N PHE A 202 -5.90 -27.14 -8.01
CA PHE A 202 -6.58 -27.13 -6.71
C PHE A 202 -5.75 -27.83 -5.63
N GLU A 203 -5.16 -28.97 -5.98
CA GLU A 203 -4.36 -29.72 -5.02
C GLU A 203 -3.10 -28.98 -4.59
N LEU A 204 -2.43 -28.34 -5.54
CA LEU A 204 -1.21 -27.58 -5.21
C LEU A 204 -1.57 -26.54 -4.15
N ILE A 205 -2.74 -25.93 -4.31
CA ILE A 205 -3.20 -24.92 -3.39
C ILE A 205 -3.66 -25.53 -2.07
N ARG A 206 -4.47 -26.58 -2.14
CA ARG A 206 -4.97 -27.25 -0.94
C ARG A 206 -3.84 -27.69 -0.03
N LYS A 207 -2.76 -28.21 -0.62
CA LYS A 207 -1.63 -28.70 0.14
C LYS A 207 -0.51 -27.70 0.37
N ASN A 208 -0.80 -26.43 0.08
CA ASN A 208 0.16 -25.35 0.30
C ASN A 208 1.46 -25.46 -0.49
N GLN A 209 1.44 -26.19 -1.59
CA GLN A 209 2.65 -26.34 -2.39
C GLN A 209 2.76 -25.31 -3.51
N PHE A 210 1.68 -24.58 -3.77
CA PHE A 210 1.68 -23.56 -4.82
C PHE A 210 2.95 -22.72 -4.79
N ASN A 211 3.65 -22.70 -5.92
CA ASN A 211 4.92 -21.97 -6.04
C ASN A 211 5.10 -21.37 -7.43
N LEU A 212 4.79 -20.09 -7.57
CA LEU A 212 4.89 -19.39 -8.85
C LEU A 212 6.27 -19.27 -9.47
N GLU A 213 7.31 -19.73 -8.79
CA GLU A 213 8.64 -19.66 -9.37
C GLU A 213 8.89 -20.92 -10.18
N ASP A 214 8.06 -21.94 -9.96
CA ASP A 214 8.18 -23.17 -10.71
C ASP A 214 7.49 -22.88 -12.05
N PRO A 215 8.26 -22.86 -13.15
CA PRO A 215 7.69 -22.57 -14.48
C PRO A 215 6.45 -23.39 -14.84
N HIS A 216 6.40 -24.64 -14.41
CA HIS A 216 5.25 -25.48 -14.71
C HIS A 216 4.01 -24.93 -13.98
N GLN A 217 4.20 -24.51 -12.74
CA GLN A 217 3.09 -23.97 -11.96
C GLN A 217 2.66 -22.59 -12.45
N LYS A 218 3.63 -21.81 -12.91
CA LYS A 218 3.33 -20.48 -13.44
C LYS A 218 2.42 -20.62 -14.65
N GLU A 219 2.77 -21.55 -15.53
CA GLU A 219 2.00 -21.82 -16.73
C GLU A 219 0.60 -22.33 -16.36
N LEU A 220 0.54 -23.25 -15.41
CA LEU A 220 -0.75 -23.77 -14.98
C LEU A 220 -1.59 -22.61 -14.43
N PHE A 221 -0.98 -21.79 -13.59
CA PHE A 221 -1.69 -20.65 -13.02
C PHE A 221 -2.21 -19.69 -14.09
N LEU A 222 -1.39 -19.36 -15.08
CA LEU A 222 -1.80 -18.46 -16.16
C LEU A 222 -3.02 -19.03 -16.88
N ALA A 223 -3.05 -20.35 -17.05
CA ALA A 223 -4.18 -21.00 -17.71
C ALA A 223 -5.46 -20.83 -16.87
N MET A 224 -5.33 -21.02 -15.56
CA MET A 224 -6.48 -20.91 -14.64
C MET A 224 -7.00 -19.47 -14.60
N LEU A 225 -6.08 -18.52 -14.64
CA LEU A 225 -6.42 -17.11 -14.62
C LEU A 225 -7.17 -16.76 -15.92
N MET A 226 -6.71 -17.29 -17.04
CA MET A 226 -7.39 -17.02 -18.31
C MET A 226 -8.83 -17.51 -18.19
N THR A 227 -9.01 -18.71 -17.66
CA THR A 227 -10.35 -19.27 -17.51
C THR A 227 -11.19 -18.38 -16.59
N ALA A 228 -10.59 -17.97 -15.47
CA ALA A 228 -11.30 -17.13 -14.52
C ALA A 228 -11.84 -15.87 -15.18
N CYS A 229 -11.04 -15.24 -16.02
CA CYS A 229 -11.47 -14.02 -16.70
C CYS A 229 -12.51 -14.33 -17.78
N ASP A 230 -12.28 -15.42 -18.50
CA ASP A 230 -13.16 -15.85 -19.58
C ASP A 230 -14.59 -16.12 -19.11
N LEU A 231 -14.72 -16.64 -17.90
CA LEU A 231 -16.04 -16.96 -17.35
C LEU A 231 -16.61 -15.87 -16.43
N SER A 232 -15.83 -14.82 -16.17
CA SER A 232 -16.24 -13.75 -15.26
C SER A 232 -17.59 -13.08 -15.47
N ALA A 233 -18.25 -13.36 -16.58
CA ALA A 233 -19.58 -12.78 -16.78
C ALA A 233 -20.47 -13.32 -15.68
N ILE A 234 -20.18 -14.55 -15.24
CA ILE A 234 -20.95 -15.23 -14.20
C ILE A 234 -20.79 -14.62 -12.81
N THR A 235 -19.85 -13.68 -12.65
CA THR A 235 -19.61 -13.05 -11.35
C THR A 235 -20.18 -11.64 -11.23
N LYS A 236 -20.67 -11.11 -12.35
CA LYS A 236 -21.21 -9.77 -12.41
C LYS A 236 -22.48 -9.54 -11.60
N PRO A 237 -22.78 -8.28 -11.28
CA PRO A 237 -23.99 -7.93 -10.51
C PRO A 237 -25.20 -8.53 -11.23
N TRP A 238 -26.18 -8.97 -10.45
CA TRP A 238 -27.38 -9.60 -11.01
C TRP A 238 -27.93 -9.09 -12.34
N PRO A 239 -28.36 -7.83 -12.41
CA PRO A 239 -28.89 -7.33 -13.68
C PRO A 239 -27.95 -7.54 -14.88
N ILE A 240 -26.67 -7.36 -14.67
CA ILE A 240 -25.70 -7.54 -15.74
C ILE A 240 -25.55 -9.02 -16.10
N GLN A 241 -25.48 -9.89 -15.09
CA GLN A 241 -25.35 -11.33 -15.33
C GLN A 241 -26.56 -11.86 -16.10
N GLN A 242 -27.75 -11.39 -15.73
CA GLN A 242 -28.96 -11.84 -16.41
C GLN A 242 -28.85 -11.59 -17.91
N ARG A 243 -28.55 -10.35 -18.28
CA ARG A 243 -28.45 -9.98 -19.69
C ARG A 243 -27.38 -10.80 -20.41
N ILE A 244 -26.23 -10.98 -19.77
CA ILE A 244 -25.14 -11.74 -20.37
C ILE A 244 -25.58 -13.20 -20.54
N ALA A 245 -26.34 -13.70 -19.57
CA ALA A 245 -26.83 -15.06 -19.63
C ALA A 245 -27.74 -15.22 -20.84
N GLU A 246 -28.51 -14.18 -21.16
CA GLU A 246 -29.42 -14.22 -22.31
C GLU A 246 -28.59 -14.40 -23.57
N LEU A 247 -27.52 -13.63 -23.69
CA LEU A 247 -26.65 -13.72 -24.87
C LEU A 247 -26.08 -15.12 -25.03
N VAL A 248 -25.64 -15.72 -23.93
CA VAL A 248 -25.09 -17.06 -23.97
C VAL A 248 -26.17 -18.01 -24.45
N ALA A 249 -27.37 -17.88 -23.89
CA ALA A 249 -28.49 -18.74 -24.26
C ALA A 249 -28.79 -18.59 -25.75
N THR A 250 -28.79 -17.35 -26.23
CA THR A 250 -29.07 -17.07 -27.62
C THR A 250 -28.09 -17.70 -28.60
N GLU A 251 -26.82 -17.79 -28.22
CA GLU A 251 -25.80 -18.38 -29.09
C GLU A 251 -25.98 -19.90 -29.11
N PHE A 252 -26.45 -20.43 -27.97
CA PHE A 252 -26.70 -21.85 -27.82
C PHE A 252 -27.89 -22.24 -28.68
N PHE A 253 -28.98 -21.48 -28.55
CA PHE A 253 -30.19 -21.76 -29.32
C PHE A 253 -29.90 -21.67 -30.81
N ASP A 254 -29.13 -20.67 -31.21
CA ASP A 254 -28.79 -20.52 -32.62
C ASP A 254 -28.09 -21.77 -33.12
N GLN A 255 -27.23 -22.34 -32.28
CA GLN A 255 -26.52 -23.56 -32.68
C GLN A 255 -27.52 -24.71 -32.77
N GLY A 256 -28.41 -24.78 -31.79
CA GLY A 256 -29.42 -25.82 -31.79
C GLY A 256 -30.24 -25.84 -33.08
N ASP A 257 -30.63 -24.65 -33.55
CA ASP A 257 -31.41 -24.55 -34.77
C ASP A 257 -30.56 -24.92 -35.97
N ARG A 258 -29.29 -24.52 -35.93
CA ARG A 258 -28.35 -24.79 -36.99
C ARG A 258 -28.03 -26.28 -37.10
N GLU A 259 -27.87 -26.95 -35.97
CA GLU A 259 -27.58 -28.37 -36.00
C GLU A 259 -28.82 -29.18 -36.38
N ARG A 260 -30.00 -28.64 -36.09
CA ARG A 260 -31.22 -29.37 -36.44
C ARG A 260 -31.29 -29.51 -37.95
N LYS A 261 -30.93 -28.43 -38.65
CA LYS A 261 -30.96 -28.43 -40.10
C LYS A 261 -29.78 -29.14 -40.76
N GLU A 262 -28.60 -29.00 -40.17
CA GLU A 262 -27.39 -29.62 -40.72
C GLU A 262 -27.09 -31.04 -40.25
N LEU A 263 -27.58 -31.42 -39.08
CA LEU A 263 -27.31 -32.76 -38.56
C LEU A 263 -28.56 -33.58 -38.29
N ASN A 264 -29.71 -33.03 -38.63
CA ASN A 264 -30.98 -33.73 -38.41
C ASN A 264 -31.15 -34.23 -36.99
N ILE A 265 -30.73 -33.43 -36.01
CA ILE A 265 -30.87 -33.85 -34.62
C ILE A 265 -31.58 -32.77 -33.82
N GLU A 266 -32.44 -33.20 -32.90
CA GLU A 266 -33.15 -32.25 -32.05
C GLU A 266 -32.17 -31.85 -30.96
N PRO A 267 -32.19 -30.58 -30.55
CA PRO A 267 -31.29 -30.10 -29.51
C PRO A 267 -31.62 -30.50 -28.07
N THR A 268 -30.60 -30.62 -27.24
CA THR A 268 -30.78 -30.93 -25.83
C THR A 268 -31.28 -29.61 -25.25
N ASP A 269 -31.80 -29.62 -24.03
CA ASP A 269 -32.32 -28.41 -23.43
C ASP A 269 -31.37 -27.22 -23.54
N LEU A 270 -30.08 -27.49 -23.35
CA LEU A 270 -29.05 -26.47 -23.42
C LEU A 270 -29.17 -25.59 -24.66
N MET A 271 -29.45 -26.21 -25.80
CA MET A 271 -29.54 -25.47 -27.05
C MET A 271 -30.94 -25.43 -27.65
N ASN A 272 -31.95 -25.62 -26.80
CA ASN A 272 -33.33 -25.60 -27.27
C ASN A 272 -34.03 -24.33 -26.81
N ARG A 273 -34.34 -23.48 -27.78
CA ARG A 273 -35.00 -22.20 -27.53
C ARG A 273 -36.33 -22.33 -26.79
N GLU A 274 -36.97 -23.48 -26.90
CA GLU A 274 -38.24 -23.70 -26.23
C GLU A 274 -38.04 -24.06 -24.76
N LYS A 275 -36.79 -24.16 -24.33
CA LYS A 275 -36.49 -24.54 -22.95
C LYS A 275 -35.86 -23.45 -22.09
N LYS A 276 -36.23 -22.20 -22.33
CA LYS A 276 -35.67 -21.10 -21.54
C LYS A 276 -35.99 -21.24 -20.06
N ASN A 277 -37.05 -21.98 -19.76
CA ASN A 277 -37.46 -22.17 -18.36
C ASN A 277 -36.44 -22.96 -17.55
N LYS A 278 -35.58 -23.70 -18.24
CA LYS A 278 -34.58 -24.51 -17.57
C LYS A 278 -33.22 -23.81 -17.43
N ILE A 279 -33.13 -22.57 -17.90
CA ILE A 279 -31.87 -21.83 -17.83
C ILE A 279 -31.33 -21.65 -16.40
N PRO A 280 -32.17 -21.18 -15.47
CA PRO A 280 -31.69 -20.99 -14.09
C PRO A 280 -31.15 -22.24 -13.43
N SER A 281 -31.79 -23.39 -13.66
CA SER A 281 -31.31 -24.63 -13.05
C SER A 281 -29.94 -24.95 -13.65
N MET A 282 -29.80 -24.71 -14.95
CA MET A 282 -28.54 -24.97 -15.64
C MET A 282 -27.44 -24.02 -15.16
N GLN A 283 -27.82 -22.78 -14.89
CA GLN A 283 -26.85 -21.79 -14.41
C GLN A 283 -26.32 -22.23 -13.07
N VAL A 284 -27.21 -22.69 -12.19
CA VAL A 284 -26.81 -23.17 -10.88
C VAL A 284 -25.85 -24.34 -11.06
N GLY A 285 -26.17 -25.22 -12.02
CA GLY A 285 -25.33 -26.36 -12.29
C GLY A 285 -23.98 -25.94 -12.83
N PHE A 286 -23.98 -24.96 -13.73
CA PHE A 286 -22.75 -24.45 -14.31
C PHE A 286 -21.88 -23.87 -13.22
N ILE A 287 -22.49 -23.06 -12.37
CA ILE A 287 -21.78 -22.44 -11.28
C ILE A 287 -21.16 -23.46 -10.33
N ASP A 288 -21.96 -24.43 -9.87
CA ASP A 288 -21.44 -25.42 -8.95
C ASP A 288 -20.34 -26.30 -9.52
N ALA A 289 -20.58 -26.85 -10.69
CA ALA A 289 -19.62 -27.76 -11.31
C ALA A 289 -18.38 -27.11 -11.91
N ILE A 290 -18.50 -25.86 -12.35
CA ILE A 290 -17.38 -25.20 -13.01
C ILE A 290 -16.77 -23.96 -12.34
N CYS A 291 -17.62 -23.02 -11.98
CA CYS A 291 -17.15 -21.75 -11.42
C CYS A 291 -16.67 -21.65 -9.98
N LEU A 292 -17.53 -21.96 -9.02
CA LEU A 292 -17.19 -21.84 -7.60
C LEU A 292 -15.79 -22.27 -7.22
N GLN A 293 -15.41 -23.49 -7.58
CA GLN A 293 -14.08 -24.00 -7.25
C GLN A 293 -12.96 -23.14 -7.82
N LEU A 294 -13.14 -22.65 -9.04
CA LEU A 294 -12.13 -21.82 -9.69
C LEU A 294 -11.93 -20.50 -8.94
N TYR A 295 -13.02 -19.79 -8.69
CA TYR A 295 -12.92 -18.51 -7.99
C TYR A 295 -12.52 -18.67 -6.53
N GLU A 296 -12.84 -19.82 -5.94
CA GLU A 296 -12.44 -20.04 -4.57
C GLU A 296 -10.93 -20.24 -4.57
N ALA A 297 -10.43 -21.07 -5.48
CA ALA A 297 -9.00 -21.32 -5.59
C ALA A 297 -8.24 -20.01 -5.86
N LEU A 298 -8.82 -19.14 -6.67
CA LEU A 298 -8.19 -17.87 -7.02
C LEU A 298 -8.12 -16.98 -5.79
N THR A 299 -9.12 -17.07 -4.92
CA THR A 299 -9.15 -16.27 -3.70
C THR A 299 -8.00 -16.71 -2.79
N HIS A 300 -7.67 -18.00 -2.83
CA HIS A 300 -6.56 -18.51 -2.02
C HIS A 300 -5.27 -17.95 -2.59
N VAL A 301 -5.23 -17.80 -3.91
CA VAL A 301 -4.04 -17.26 -4.56
C VAL A 301 -3.88 -15.81 -4.12
N SER A 302 -4.98 -15.08 -4.14
CA SER A 302 -4.97 -13.68 -3.73
C SER A 302 -6.33 -13.32 -3.15
N GLU A 303 -6.33 -12.99 -1.87
CA GLU A 303 -7.56 -12.66 -1.17
C GLU A 303 -8.31 -11.53 -1.87
N ASP A 304 -7.58 -10.63 -2.51
CA ASP A 304 -8.21 -9.50 -3.19
C ASP A 304 -9.03 -9.86 -4.43
N CYS A 305 -8.97 -11.13 -4.82
CA CYS A 305 -9.75 -11.59 -5.97
C CYS A 305 -11.08 -12.12 -5.44
N PHE A 306 -11.28 -12.00 -4.13
CA PHE A 306 -12.49 -12.48 -3.48
C PHE A 306 -13.79 -12.01 -4.13
N PRO A 307 -13.87 -10.74 -4.55
CA PRO A 307 -15.11 -10.27 -5.18
C PRO A 307 -15.66 -11.08 -6.37
N LEU A 308 -14.77 -11.75 -7.10
CA LEU A 308 -15.22 -12.58 -8.23
C LEU A 308 -16.04 -13.72 -7.65
N LEU A 309 -15.51 -14.38 -6.62
CA LEU A 309 -16.19 -15.48 -5.98
C LEU A 309 -17.50 -15.00 -5.35
N ASP A 310 -17.42 -13.90 -4.62
CA ASP A 310 -18.58 -13.32 -3.94
C ASP A 310 -19.70 -13.06 -4.95
N GLY A 311 -19.35 -12.38 -6.05
CA GLY A 311 -20.34 -12.10 -7.07
C GLY A 311 -20.93 -13.38 -7.63
N CYS A 312 -20.10 -14.40 -7.79
CA CYS A 312 -20.56 -15.68 -8.30
C CYS A 312 -21.60 -16.30 -7.37
N ARG A 313 -21.31 -16.29 -6.07
CA ARG A 313 -22.24 -16.84 -5.09
C ARG A 313 -23.57 -16.11 -5.13
N LYS A 314 -23.54 -14.78 -5.15
CA LYS A 314 -24.77 -14.02 -5.18
C LYS A 314 -25.62 -14.42 -6.38
N ASN A 315 -24.98 -14.63 -7.53
CA ASN A 315 -25.73 -15.03 -8.71
C ASN A 315 -26.31 -16.43 -8.54
N ARG A 316 -25.62 -17.31 -7.83
CA ARG A 316 -26.13 -18.65 -7.61
C ARG A 316 -27.45 -18.52 -6.85
N GLN A 317 -27.42 -17.71 -5.80
CA GLN A 317 -28.60 -17.46 -4.98
C GLN A 317 -29.75 -16.91 -5.84
N LYS A 318 -29.45 -15.99 -6.75
CA LYS A 318 -30.48 -15.42 -7.62
C LYS A 318 -31.03 -16.49 -8.57
N TRP A 319 -30.16 -17.19 -9.28
CA TRP A 319 -30.59 -18.21 -10.22
C TRP A 319 -31.34 -19.36 -9.54
N GLN A 320 -30.92 -19.72 -8.33
CA GLN A 320 -31.55 -20.79 -7.58
C GLN A 320 -33.00 -20.43 -7.26
N ALA A 321 -33.22 -19.21 -6.80
CA ALA A 321 -34.56 -18.74 -6.48
C ALA A 321 -35.47 -18.93 -7.68
N LEU A 322 -34.98 -18.55 -8.86
CA LEU A 322 -35.73 -18.69 -10.10
C LEU A 322 -35.90 -20.15 -10.48
N ALA A 323 -34.89 -20.96 -10.19
CA ALA A 323 -34.95 -22.39 -10.49
C ALA A 323 -36.13 -22.99 -9.73
N GLU A 324 -36.33 -22.51 -8.51
CA GLU A 324 -37.42 -22.97 -7.68
C GLU A 324 -38.70 -22.26 -8.10
N GLN A 325 -38.59 -21.45 -9.14
CA GLN A 325 -39.71 -20.69 -9.68
C GLN A 325 -40.50 -20.04 -8.56
N GLN A 326 -40.19 -18.78 -8.27
CA GLN A 326 -40.85 -18.03 -7.20
C GLN A 326 -42.36 -17.85 -7.43
N GLU B 1 -3.68 1.01 35.04
CA GLU B 1 -3.12 2.27 34.46
C GLU B 1 -1.78 2.03 33.77
N GLU B 2 -1.51 2.81 32.72
CA GLU B 2 -0.27 2.70 31.97
C GLU B 2 0.86 3.47 32.64
N THR B 3 0.50 4.53 33.38
CA THR B 3 1.49 5.33 34.11
C THR B 3 1.87 4.50 35.33
N ARG B 4 0.93 3.69 35.78
CA ARG B 4 1.13 2.82 36.92
C ARG B 4 2.07 1.70 36.49
N GLU B 5 1.83 1.17 35.29
CA GLU B 5 2.65 0.11 34.75
C GLU B 5 4.08 0.60 34.53
N LEU B 6 4.21 1.84 34.06
CA LEU B 6 5.53 2.41 33.83
C LEU B 6 6.30 2.54 35.15
N GLN B 7 5.62 2.99 36.18
CA GLN B 7 6.22 3.17 37.51
C GLN B 7 6.67 1.83 38.10
N SER B 8 5.82 0.81 37.99
CA SER B 8 6.15 -0.50 38.51
C SER B 8 7.43 -1.01 37.88
N LEU B 9 7.50 -0.95 36.55
CA LEU B 9 8.66 -1.39 35.81
C LEU B 9 9.91 -0.57 36.13
N ALA B 10 9.76 0.74 36.16
CA ALA B 10 10.88 1.65 36.43
C ALA B 10 11.52 1.48 37.81
N ALA B 11 10.71 1.21 38.83
CA ALA B 11 11.22 1.05 40.19
C ALA B 11 11.63 -0.38 40.55
N ALA B 12 11.14 -1.35 39.80
CA ALA B 12 11.45 -2.74 40.10
C ALA B 12 12.92 -3.10 39.93
N VAL B 13 13.37 -4.05 40.74
CA VAL B 13 14.75 -4.52 40.68
C VAL B 13 14.94 -5.29 39.37
N VAL B 14 16.06 -5.05 38.70
CA VAL B 14 16.36 -5.75 37.46
C VAL B 14 17.24 -6.94 37.83
N PRO B 15 16.65 -8.14 37.94
CA PRO B 15 17.43 -9.34 38.30
C PRO B 15 18.58 -9.65 37.36
N SER B 16 19.63 -10.26 37.89
CA SER B 16 20.82 -10.59 37.10
C SER B 16 20.50 -11.50 35.91
N ALA B 17 21.39 -11.49 34.93
CA ALA B 17 21.21 -12.32 33.76
C ALA B 17 21.25 -13.78 34.20
N GLN B 18 22.22 -14.12 35.05
CA GLN B 18 22.35 -15.47 35.55
C GLN B 18 21.05 -15.94 36.22
N THR B 19 20.52 -15.13 37.12
CA THR B 19 19.29 -15.47 37.83
C THR B 19 18.13 -15.70 36.86
N LEU B 20 18.05 -14.85 35.83
CA LEU B 20 16.99 -14.96 34.83
C LEU B 20 17.22 -16.09 33.83
N LYS B 21 18.45 -16.58 33.76
CA LYS B 21 18.83 -17.66 32.85
C LYS B 21 18.68 -17.28 31.38
N ILE B 22 18.70 -15.98 31.07
CA ILE B 22 18.54 -15.55 29.69
C ILE B 22 19.78 -15.80 28.81
N THR B 23 20.83 -16.33 29.40
CA THR B 23 22.04 -16.61 28.64
C THR B 23 21.97 -18.00 28.03
N ASP B 24 20.93 -18.74 28.38
CA ASP B 24 20.79 -20.10 27.88
C ASP B 24 19.91 -20.20 26.65
N PHE B 25 20.31 -21.06 25.71
CA PHE B 25 19.54 -21.29 24.50
C PHE B 25 18.24 -22.02 24.80
N SER B 26 18.23 -22.81 25.86
CA SER B 26 17.03 -23.58 26.22
C SER B 26 16.03 -22.78 27.06
N PHE B 27 16.25 -21.48 27.17
CA PHE B 27 15.39 -20.56 27.92
C PHE B 27 13.92 -20.66 27.52
N SER B 28 13.04 -20.54 28.52
CA SER B 28 11.58 -20.56 28.30
C SER B 28 10.96 -19.41 29.11
N ASP B 29 9.90 -18.81 28.59
CA ASP B 29 9.24 -17.68 29.23
C ASP B 29 7.86 -18.00 29.78
N PHE B 30 7.42 -19.25 29.64
CA PHE B 30 6.11 -19.65 30.10
C PHE B 30 5.75 -19.30 31.55
N GLU B 31 6.73 -19.34 32.44
CA GLU B 31 6.46 -19.05 33.84
C GLU B 31 6.65 -17.58 34.21
N LEU B 32 6.93 -16.74 33.23
CA LEU B 32 7.15 -15.33 33.51
C LEU B 32 5.92 -14.49 33.27
N SER B 33 5.81 -13.40 34.04
CA SER B 33 4.71 -12.46 33.89
C SER B 33 5.18 -11.42 32.89
N ASP B 34 4.27 -10.60 32.38
CA ASP B 34 4.67 -9.58 31.43
C ASP B 34 5.76 -8.68 32.03
N LEU B 35 5.58 -8.27 33.29
CA LEU B 35 6.55 -7.41 33.96
C LEU B 35 7.93 -8.07 33.97
N GLU B 36 7.96 -9.36 34.27
CA GLU B 36 9.22 -10.08 34.30
C GLU B 36 9.87 -10.13 32.92
N THR B 37 9.08 -10.26 31.86
CA THR B 37 9.70 -10.27 30.53
C THR B 37 10.26 -8.89 30.26
N ALA B 38 9.60 -7.85 30.77
CA ALA B 38 10.09 -6.49 30.56
C ALA B 38 11.41 -6.30 31.32
N LEU B 39 11.46 -6.78 32.55
CA LEU B 39 12.70 -6.68 33.33
C LEU B 39 13.82 -7.46 32.65
N CYS B 40 13.49 -8.63 32.09
CA CYS B 40 14.49 -9.44 31.37
C CYS B 40 15.05 -8.64 30.21
N THR B 41 14.17 -7.92 29.51
CA THR B 41 14.58 -7.14 28.36
C THR B 41 15.56 -6.04 28.76
N ILE B 42 15.30 -5.39 29.90
CA ILE B 42 16.19 -4.35 30.39
C ILE B 42 17.55 -4.96 30.70
N ARG B 43 17.55 -6.15 31.30
CA ARG B 43 18.81 -6.82 31.63
C ARG B 43 19.62 -7.08 30.35
N MET B 44 18.90 -7.38 29.26
CA MET B 44 19.54 -7.65 27.98
C MET B 44 20.27 -6.41 27.45
N PHE B 45 19.58 -5.27 27.38
CA PHE B 45 20.23 -4.03 26.93
C PHE B 45 21.39 -3.71 27.87
N THR B 46 21.18 -3.93 29.16
CA THR B 46 22.18 -3.65 30.17
C THR B 46 23.45 -4.48 30.07
N ASP B 47 23.30 -5.81 30.04
CA ASP B 47 24.46 -6.69 29.98
C ASP B 47 25.17 -6.70 28.62
N LEU B 48 24.57 -6.07 27.62
CA LEU B 48 25.19 -5.97 26.31
C LEU B 48 25.86 -4.58 26.23
N ASN B 49 25.87 -3.89 27.37
CA ASN B 49 26.47 -2.57 27.51
C ASN B 49 25.86 -1.46 26.68
N LEU B 50 24.64 -1.67 26.21
CA LEU B 50 23.96 -0.67 25.41
C LEU B 50 23.54 0.51 26.27
N VAL B 51 23.03 0.22 27.46
CA VAL B 51 22.59 1.29 28.36
C VAL B 51 23.74 2.23 28.67
N GLN B 52 24.90 1.65 29.00
CA GLN B 52 26.08 2.45 29.33
C GLN B 52 26.74 3.14 28.13
N ASN B 53 27.02 2.39 27.07
CA ASN B 53 27.69 2.97 25.91
C ASN B 53 26.85 3.96 25.14
N PHE B 54 25.54 3.90 25.27
CA PHE B 54 24.68 4.82 24.54
C PHE B 54 23.85 5.76 25.40
N GLN B 55 24.24 5.87 26.66
CA GLN B 55 23.58 6.77 27.60
C GLN B 55 22.07 6.67 27.62
N MET B 56 21.54 5.46 27.62
CA MET B 56 20.10 5.29 27.66
C MET B 56 19.57 5.68 29.02
N LYS B 57 18.47 6.41 29.03
CA LYS B 57 17.87 6.82 30.30
C LYS B 57 16.89 5.72 30.69
N HIS B 58 16.99 5.28 31.94
CA HIS B 58 16.16 4.21 32.45
C HIS B 58 14.67 4.37 32.14
N GLU B 59 14.09 5.48 32.56
CA GLU B 59 12.67 5.70 32.34
C GLU B 59 12.28 5.56 30.86
N VAL B 60 13.07 6.16 29.98
CA VAL B 60 12.81 6.10 28.53
C VAL B 60 12.85 4.64 28.04
N LEU B 61 13.89 3.91 28.43
CA LEU B 61 14.00 2.51 28.01
C LEU B 61 12.76 1.75 28.46
N CYS B 62 12.33 2.00 29.70
CA CYS B 62 11.16 1.33 30.23
C CYS B 62 9.91 1.67 29.42
N ARG B 63 9.73 2.95 29.14
CA ARG B 63 8.57 3.38 28.36
C ARG B 63 8.61 2.76 26.97
N TRP B 64 9.79 2.73 26.38
CA TRP B 64 9.97 2.16 25.05
C TRP B 64 9.59 0.68 25.06
N ILE B 65 10.14 -0.06 26.03
CA ILE B 65 9.83 -1.48 26.15
C ILE B 65 8.33 -1.72 26.29
N LEU B 66 7.65 -0.90 27.10
CA LEU B 66 6.21 -1.07 27.29
C LEU B 66 5.43 -0.73 26.03
N SER B 67 5.92 0.25 25.27
CA SER B 67 5.29 0.67 24.02
C SER B 67 5.40 -0.45 22.99
N VAL B 68 6.56 -1.11 22.95
CA VAL B 68 6.77 -2.22 22.03
C VAL B 68 5.84 -3.37 22.42
N LYS B 69 5.83 -3.72 23.70
CA LYS B 69 4.97 -4.80 24.19
C LYS B 69 3.51 -4.51 23.87
N LYS B 70 3.12 -3.25 24.02
CA LYS B 70 1.75 -2.84 23.79
C LYS B 70 1.32 -2.87 22.32
N ASN B 71 2.27 -2.69 21.41
CA ASN B 71 1.97 -2.70 20.00
C ASN B 71 1.91 -4.09 19.37
N TYR B 72 1.84 -5.11 20.22
CA TYR B 72 1.69 -6.49 19.76
C TYR B 72 0.30 -6.86 20.24
N ARG B 73 -0.40 -7.72 19.51
CA ARG B 73 -1.74 -8.11 19.88
C ARG B 73 -1.74 -9.41 20.65
N LYS B 74 -2.16 -9.36 21.89
CA LYS B 74 -2.17 -10.56 22.71
C LYS B 74 -3.15 -11.61 22.19
N ASN B 75 -4.13 -11.17 21.40
CA ASN B 75 -5.12 -12.11 20.85
C ASN B 75 -4.55 -12.94 19.70
N VAL B 76 -3.34 -12.63 19.26
CA VAL B 76 -2.70 -13.39 18.19
C VAL B 76 -1.94 -14.51 18.91
N ALA B 77 -2.29 -15.76 18.57
CA ALA B 77 -1.71 -16.93 19.20
C ALA B 77 -0.20 -17.08 19.28
N TYR B 78 0.52 -16.71 18.22
CA TYR B 78 1.97 -16.86 18.23
C TYR B 78 2.76 -15.56 18.02
N HIS B 79 2.45 -14.85 16.93
CA HIS B 79 3.14 -13.60 16.65
C HIS B 79 2.67 -12.51 17.60
N ASN B 80 3.10 -12.62 18.85
CA ASN B 80 2.73 -11.65 19.87
C ASN B 80 4.00 -11.19 20.59
N TRP B 81 3.82 -10.46 21.70
CA TRP B 81 4.97 -9.99 22.45
C TRP B 81 5.93 -11.10 22.91
N ARG B 82 5.38 -12.24 23.32
CA ARG B 82 6.26 -13.32 23.77
C ARG B 82 7.20 -13.84 22.67
N HIS B 83 6.76 -13.85 21.41
CA HIS B 83 7.64 -14.32 20.33
C HIS B 83 8.72 -13.29 20.07
N ALA B 84 8.35 -12.01 20.15
CA ALA B 84 9.32 -10.94 19.94
C ALA B 84 10.34 -10.99 21.07
N PHE B 85 9.84 -11.20 22.29
CA PHE B 85 10.70 -11.29 23.48
C PHE B 85 11.66 -12.49 23.34
N ASN B 86 11.11 -13.63 22.92
CA ASN B 86 11.93 -14.83 22.74
C ASN B 86 13.00 -14.61 21.67
N THR B 87 12.64 -13.91 20.60
CA THR B 87 13.58 -13.66 19.51
C THR B 87 14.76 -12.87 20.07
N ALA B 88 14.46 -11.86 20.88
CA ALA B 88 15.48 -11.02 21.50
C ALA B 88 16.36 -11.80 22.48
N GLN B 89 15.75 -12.71 23.24
CA GLN B 89 16.47 -13.53 24.20
C GLN B 89 17.44 -14.46 23.43
N CYS B 90 16.97 -15.05 22.33
CA CYS B 90 17.84 -15.92 21.56
C CYS B 90 18.97 -15.09 20.97
N MET B 91 18.67 -13.83 20.66
CA MET B 91 19.68 -12.93 20.11
C MET B 91 20.71 -12.72 21.21
N PHE B 92 20.23 -12.42 22.42
CA PHE B 92 21.11 -12.22 23.57
C PHE B 92 21.95 -13.48 23.82
N ALA B 93 21.29 -14.64 23.82
CA ALA B 93 22.01 -15.89 24.05
C ALA B 93 23.07 -16.12 22.99
N ALA B 94 22.73 -15.84 21.74
CA ALA B 94 23.69 -16.04 20.64
C ALA B 94 24.90 -15.13 20.81
N LEU B 95 24.66 -13.89 21.21
CA LEU B 95 25.72 -12.92 21.43
C LEU B 95 26.59 -13.26 22.65
N LYS B 96 25.96 -13.66 23.75
CA LYS B 96 26.70 -14.01 24.97
C LYS B 96 27.23 -15.44 24.94
N ALA B 97 26.38 -16.42 25.26
CA ALA B 97 26.78 -17.81 25.27
C ALA B 97 27.35 -18.24 23.93
N GLY B 98 26.77 -17.71 22.85
CA GLY B 98 27.21 -18.07 21.51
C GLY B 98 28.47 -17.38 21.05
N LYS B 99 28.90 -16.37 21.80
CA LYS B 99 30.10 -15.60 21.53
C LYS B 99 30.15 -14.79 20.23
N ILE B 100 28.99 -14.50 19.65
CA ILE B 100 28.97 -13.71 18.43
C ILE B 100 29.20 -12.23 18.75
N GLN B 101 29.00 -11.88 20.01
CA GLN B 101 29.17 -10.52 20.50
C GLN B 101 30.52 -9.90 20.17
N ASN B 102 31.59 -10.69 20.23
CA ASN B 102 32.91 -10.16 19.95
C ASN B 102 33.22 -10.03 18.47
N LYS B 103 32.30 -10.50 17.63
CA LYS B 103 32.47 -10.41 16.18
C LYS B 103 31.77 -9.16 15.63
N LEU B 104 30.89 -8.57 16.42
CA LEU B 104 30.14 -7.39 15.99
C LEU B 104 30.47 -6.13 16.76
N THR B 105 30.04 -4.99 16.21
CA THR B 105 30.25 -3.69 16.82
C THR B 105 29.08 -3.41 17.76
N ASP B 106 29.24 -2.43 18.64
CA ASP B 106 28.18 -2.08 19.57
C ASP B 106 26.93 -1.60 18.84
N LEU B 107 27.14 -0.83 17.78
CA LEU B 107 26.03 -0.31 17.00
C LEU B 107 25.25 -1.43 16.32
N GLU B 108 25.94 -2.47 15.87
CA GLU B 108 25.26 -3.59 15.22
C GLU B 108 24.51 -4.40 16.28
N ILE B 109 25.10 -4.52 17.47
CA ILE B 109 24.45 -5.26 18.52
C ILE B 109 23.19 -4.51 18.92
N LEU B 110 23.31 -3.18 19.02
CA LEU B 110 22.16 -2.33 19.38
C LEU B 110 21.03 -2.52 18.38
N ALA B 111 21.36 -2.46 17.09
CA ALA B 111 20.38 -2.60 16.03
C ALA B 111 19.72 -3.98 16.07
N LEU B 112 20.53 -5.03 16.27
CA LEU B 112 20.01 -6.39 16.33
C LEU B 112 18.98 -6.57 17.46
N LEU B 113 19.30 -6.08 18.66
CA LEU B 113 18.37 -6.24 19.79
C LEU B 113 17.04 -5.51 19.53
N ILE B 114 17.11 -4.28 19.06
CA ILE B 114 15.90 -3.52 18.75
C ILE B 114 15.12 -4.23 17.64
N ALA B 115 15.84 -4.71 16.62
CA ALA B 115 15.22 -5.42 15.51
C ALA B 115 14.54 -6.70 15.99
N ALA B 116 15.24 -7.45 16.84
CA ALA B 116 14.71 -8.70 17.37
C ALA B 116 13.40 -8.47 18.12
N LEU B 117 13.33 -7.36 18.85
CA LEU B 117 12.14 -7.00 19.62
C LEU B 117 11.01 -6.39 18.80
N SER B 118 11.37 -5.74 17.69
CA SER B 118 10.41 -5.05 16.84
C SER B 118 10.02 -5.70 15.52
N HIS B 119 10.69 -6.78 15.13
CA HIS B 119 10.43 -7.39 13.82
C HIS B 119 9.03 -7.85 13.41
N ASP B 120 8.11 -8.02 14.37
CA ASP B 120 6.76 -8.44 14.04
C ASP B 120 5.68 -7.48 14.56
N LEU B 121 6.10 -6.30 15.01
CA LEU B 121 5.18 -5.30 15.54
C LEU B 121 3.87 -5.11 14.76
N ASP B 122 2.76 -5.11 15.47
CA ASP B 122 1.45 -4.90 14.88
C ASP B 122 0.96 -6.09 14.05
N HIS B 123 1.60 -7.23 14.23
CA HIS B 123 1.20 -8.44 13.52
C HIS B 123 -0.25 -8.75 13.90
N ARG B 124 -1.08 -9.10 12.93
CA ARG B 124 -2.48 -9.40 13.22
C ARG B 124 -2.90 -10.86 13.05
N GLY B 125 -1.91 -11.75 12.97
CA GLY B 125 -2.23 -13.17 12.82
C GLY B 125 -2.49 -13.67 11.41
N VAL B 126 -2.03 -12.92 10.41
CA VAL B 126 -2.22 -13.30 9.01
C VAL B 126 -0.89 -13.88 8.49
N ASN B 127 -0.93 -15.10 7.96
CA ASN B 127 0.25 -15.76 7.43
C ASN B 127 -0.03 -16.18 6.00
N ASN B 128 1.02 -16.47 5.24
CA ASN B 128 0.85 -16.89 3.85
C ASN B 128 0.51 -18.36 3.77
N SER B 129 -0.38 -18.67 2.84
CA SER B 129 -0.81 -20.03 2.58
C SER B 129 0.29 -20.74 1.80
N TYR B 130 1.17 -19.95 1.18
CA TYR B 130 2.28 -20.49 0.38
C TYR B 130 3.37 -19.44 0.25
N ILE B 131 4.59 -19.85 -0.11
CA ILE B 131 5.69 -18.91 -0.24
C ILE B 131 5.52 -17.90 -1.37
N GLN B 132 5.87 -16.66 -1.09
CA GLN B 132 5.75 -15.58 -2.07
C GLN B 132 6.96 -14.67 -2.08
N ARG B 133 7.93 -14.94 -2.94
CA ARG B 133 9.11 -14.08 -3.01
C ARG B 133 8.81 -12.82 -3.82
N CYS B 143 10.41 -9.22 -3.84
CA CYS B 143 10.34 -7.82 -4.36
C CYS B 143 9.59 -6.91 -3.39
N HIS B 144 8.85 -7.52 -2.46
CA HIS B 144 8.07 -6.72 -1.52
C HIS B 144 8.47 -6.73 -0.03
N SER B 145 8.11 -7.79 0.70
CA SER B 145 8.38 -7.85 2.14
C SER B 145 7.52 -6.72 2.70
N ILE B 146 6.33 -6.57 2.12
CA ILE B 146 5.38 -5.54 2.52
C ILE B 146 5.06 -5.52 4.00
N MET B 147 4.82 -6.69 4.59
CA MET B 147 4.52 -6.75 6.01
C MET B 147 5.71 -6.34 6.85
N GLU B 148 6.92 -6.73 6.44
CA GLU B 148 8.12 -6.37 7.18
C GLU B 148 8.39 -4.85 7.13
N HIS B 149 8.05 -4.21 6.01
CA HIS B 149 8.24 -2.76 5.92
C HIS B 149 7.28 -2.13 6.92
N HIS B 150 6.12 -2.74 7.08
CA HIS B 150 5.15 -2.23 8.03
C HIS B 150 5.70 -2.41 9.46
N HIS B 151 6.32 -3.55 9.73
CA HIS B 151 6.86 -3.80 11.05
C HIS B 151 7.93 -2.78 11.37
N PHE B 152 8.72 -2.43 10.37
CA PHE B 152 9.76 -1.42 10.56
C PHE B 152 9.14 -0.05 10.76
N ASP B 153 8.06 0.24 10.04
CA ASP B 153 7.42 1.54 10.18
C ASP B 153 6.95 1.66 11.62
N GLN B 154 6.41 0.58 12.16
CA GLN B 154 5.92 0.60 13.54
C GLN B 154 7.08 0.82 14.51
N CYS B 155 8.22 0.21 14.20
CA CYS B 155 9.41 0.35 15.02
C CYS B 155 9.83 1.82 15.05
N LEU B 156 9.87 2.44 13.87
CA LEU B 156 10.25 3.84 13.74
C LEU B 156 9.23 4.74 14.43
N MET B 157 7.95 4.42 14.25
CA MET B 157 6.87 5.19 14.85
C MET B 157 7.03 5.31 16.38
N ILE B 158 7.42 4.22 17.02
CA ILE B 158 7.61 4.18 18.46
C ILE B 158 8.82 5.04 18.85
N LEU B 159 9.94 4.84 18.18
CA LEU B 159 11.13 5.62 18.47
C LEU B 159 10.83 7.11 18.39
N ASN B 160 10.02 7.51 17.39
CA ASN B 160 9.69 8.92 17.21
C ASN B 160 8.56 9.41 18.12
N SER B 161 8.06 8.53 18.98
CA SER B 161 7.01 8.90 19.92
C SER B 161 7.65 9.56 21.12
N PRO B 162 7.07 10.67 21.61
CA PRO B 162 7.65 11.34 22.78
C PRO B 162 7.87 10.43 23.99
N GLY B 163 9.06 10.56 24.59
CA GLY B 163 9.40 9.77 25.77
C GLY B 163 9.83 8.36 25.46
N ASN B 164 9.91 8.01 24.18
CA ASN B 164 10.31 6.67 23.76
C ASN B 164 11.60 6.64 22.93
N GLN B 165 12.34 7.74 22.92
CA GLN B 165 13.57 7.78 22.12
C GLN B 165 14.79 7.23 22.86
N ILE B 166 14.97 5.92 22.79
CA ILE B 166 16.09 5.25 23.45
C ILE B 166 17.41 5.47 22.71
N LEU B 167 17.35 6.14 21.56
CA LEU B 167 18.57 6.38 20.81
C LEU B 167 18.95 7.85 20.79
N SER B 168 18.50 8.59 21.80
CA SER B 168 18.80 10.02 21.89
C SER B 168 20.28 10.27 22.19
N GLY B 169 20.97 9.27 22.72
CA GLY B 169 22.37 9.43 23.05
C GLY B 169 23.31 9.25 21.88
N LEU B 170 22.82 8.68 20.79
CA LEU B 170 23.67 8.48 19.62
C LEU B 170 23.90 9.77 18.86
N SER B 171 24.99 9.82 18.12
CA SER B 171 25.30 10.98 17.31
C SER B 171 24.45 10.81 16.07
N ILE B 172 24.32 11.88 15.29
CA ILE B 172 23.52 11.85 14.09
C ILE B 172 23.95 10.72 13.17
N GLU B 173 25.25 10.57 12.95
CA GLU B 173 25.74 9.52 12.08
C GLU B 173 25.43 8.13 12.60
N GLU B 174 25.60 7.94 13.91
CA GLU B 174 25.30 6.66 14.53
C GLU B 174 23.81 6.37 14.43
N TYR B 175 22.99 7.39 14.70
CA TYR B 175 21.55 7.22 14.63
C TYR B 175 21.12 6.74 13.23
N LYS B 176 21.58 7.42 12.18
CA LYS B 176 21.25 7.02 10.82
C LYS B 176 21.77 5.62 10.48
N THR B 177 23.00 5.32 10.87
CA THR B 177 23.57 4.01 10.61
C THR B 177 22.79 2.92 11.35
N THR B 178 22.30 3.23 12.54
CA THR B 178 21.56 2.24 13.31
C THR B 178 20.18 1.96 12.70
N LEU B 179 19.44 2.99 12.33
CA LEU B 179 18.13 2.78 11.74
C LEU B 179 18.23 1.94 10.47
N LYS B 180 19.30 2.15 9.71
CA LYS B 180 19.51 1.42 8.48
C LYS B 180 19.70 -0.06 8.76
N ILE B 181 20.58 -0.37 9.71
CA ILE B 181 20.84 -1.76 10.07
C ILE B 181 19.58 -2.39 10.63
N ILE B 182 18.83 -1.61 11.39
CA ILE B 182 17.60 -2.10 11.99
C ILE B 182 16.57 -2.49 10.93
N LYS B 183 16.44 -1.65 9.91
CA LYS B 183 15.48 -1.89 8.84
C LYS B 183 15.81 -3.17 8.08
N GLN B 184 17.06 -3.33 7.66
CA GLN B 184 17.46 -4.53 6.95
C GLN B 184 17.28 -5.77 7.83
N ALA B 185 17.55 -5.63 9.12
CA ALA B 185 17.41 -6.76 10.05
C ALA B 185 15.96 -7.22 10.09
N ILE B 186 15.04 -6.27 10.17
CA ILE B 186 13.63 -6.58 10.21
C ILE B 186 13.16 -7.17 8.87
N LEU B 187 13.62 -6.58 7.76
CA LEU B 187 13.21 -7.07 6.46
C LEU B 187 13.68 -8.50 6.31
N ALA B 188 14.83 -8.81 6.90
CA ALA B 188 15.40 -10.14 6.84
C ALA B 188 14.47 -11.22 7.45
N THR B 189 13.55 -10.81 8.32
CA THR B 189 12.65 -11.79 8.92
C THR B 189 11.56 -12.27 7.97
N ASP B 190 11.61 -11.81 6.73
CA ASP B 190 10.67 -12.25 5.70
C ASP B 190 11.29 -13.56 5.23
N LEU B 191 10.60 -14.68 5.47
CA LEU B 191 11.16 -15.97 5.09
C LEU B 191 11.56 -16.06 3.62
N ALA B 192 10.91 -15.27 2.77
CA ALA B 192 11.25 -15.28 1.34
C ALA B 192 12.64 -14.69 1.10
N LEU B 193 13.00 -13.64 1.84
CA LEU B 193 14.33 -13.05 1.70
C LEU B 193 15.37 -14.04 2.17
N TYR B 194 15.05 -14.73 3.25
CA TYR B 194 15.97 -15.72 3.81
C TYR B 194 16.24 -16.79 2.75
N ILE B 195 15.19 -17.33 2.18
CA ILE B 195 15.28 -18.36 1.15
C ILE B 195 16.07 -17.90 -0.07
N LYS B 196 15.94 -16.61 -0.38
CA LYS B 196 16.62 -16.03 -1.52
C LYS B 196 18.11 -15.80 -1.30
N ARG B 197 18.50 -15.46 -0.08
CA ARG B 197 19.90 -15.18 0.19
C ARG B 197 20.77 -16.23 0.87
N ARG B 198 20.14 -17.18 1.55
CA ARG B 198 20.90 -18.20 2.27
C ARG B 198 21.92 -18.96 1.41
N GLY B 199 21.68 -19.00 0.11
CA GLY B 199 22.61 -19.69 -0.76
C GLY B 199 23.99 -19.07 -0.66
N GLU B 200 24.02 -17.74 -0.64
CA GLU B 200 25.30 -17.03 -0.55
C GLU B 200 26.06 -17.43 0.71
N PHE B 201 25.35 -17.41 1.83
CA PHE B 201 25.91 -17.74 3.13
C PHE B 201 26.51 -19.15 3.16
N PHE B 202 25.72 -20.13 2.75
CA PHE B 202 26.16 -21.52 2.72
C PHE B 202 27.38 -21.66 1.81
N GLU B 203 27.30 -20.98 0.66
CA GLU B 203 28.37 -20.99 -0.33
C GLU B 203 29.66 -20.44 0.29
N LEU B 204 29.58 -19.25 0.87
CA LEU B 204 30.74 -18.63 1.49
C LEU B 204 31.38 -19.55 2.52
N ILE B 205 30.55 -20.28 3.26
CA ILE B 205 31.04 -21.19 4.29
C ILE B 205 31.68 -22.44 3.68
N ARG B 206 31.03 -23.01 2.68
CA ARG B 206 31.54 -24.20 2.04
C ARG B 206 32.97 -23.99 1.53
N LYS B 207 33.22 -22.81 0.97
CA LYS B 207 34.54 -22.50 0.43
C LYS B 207 35.46 -21.77 1.40
N ASN B 208 35.12 -21.82 2.68
CA ASN B 208 35.93 -21.16 3.71
C ASN B 208 36.37 -19.75 3.29
N GLN B 209 35.42 -18.94 2.84
CA GLN B 209 35.73 -17.58 2.43
C GLN B 209 34.90 -16.57 3.19
N PHE B 210 34.16 -17.05 4.20
CA PHE B 210 33.32 -16.18 5.02
C PHE B 210 34.20 -15.16 5.72
N ASN B 211 33.97 -13.89 5.39
CA ASN B 211 34.74 -12.79 5.96
C ASN B 211 33.79 -11.72 6.46
N LEU B 212 33.58 -11.64 7.77
CA LEU B 212 32.68 -10.65 8.36
C LEU B 212 33.09 -9.21 8.14
N GLU B 213 34.36 -8.98 7.79
CA GLU B 213 34.82 -7.63 7.56
C GLU B 213 34.27 -7.04 6.27
N ASP B 214 33.88 -7.90 5.33
CA ASP B 214 33.31 -7.40 4.09
C ASP B 214 31.87 -6.98 4.36
N PRO B 215 31.55 -5.70 4.13
CA PRO B 215 30.21 -5.15 4.35
C PRO B 215 29.06 -5.98 3.77
N HIS B 216 29.28 -6.60 2.62
CA HIS B 216 28.24 -7.42 2.02
C HIS B 216 27.97 -8.68 2.87
N GLN B 217 29.04 -9.32 3.31
CA GLN B 217 28.92 -10.54 4.12
C GLN B 217 28.42 -10.23 5.53
N LYS B 218 28.77 -9.07 6.07
CA LYS B 218 28.29 -8.71 7.40
C LYS B 218 26.77 -8.55 7.38
N GLU B 219 26.28 -7.79 6.40
CA GLU B 219 24.86 -7.57 6.25
C GLU B 219 24.18 -8.92 6.08
N LEU B 220 24.79 -9.78 5.26
CA LEU B 220 24.25 -11.11 5.00
C LEU B 220 24.16 -11.90 6.31
N PHE B 221 25.25 -11.92 7.08
CA PHE B 221 25.27 -12.64 8.35
C PHE B 221 24.19 -12.13 9.30
N LEU B 222 24.08 -10.81 9.43
CA LEU B 222 23.09 -10.22 10.32
C LEU B 222 21.70 -10.74 10.01
N ALA B 223 21.37 -10.81 8.72
CA ALA B 223 20.06 -11.30 8.30
C ALA B 223 19.86 -12.77 8.67
N MET B 224 20.89 -13.59 8.44
CA MET B 224 20.79 -15.01 8.76
C MET B 224 20.62 -15.15 10.28
N LEU B 225 21.32 -14.30 11.02
CA LEU B 225 21.24 -14.31 12.48
C LEU B 225 19.84 -13.95 12.92
N MET B 226 19.21 -13.00 12.22
CA MET B 226 17.84 -12.61 12.57
C MET B 226 16.92 -13.82 12.39
N THR B 227 17.08 -14.51 11.26
CA THR B 227 16.26 -15.68 10.96
C THR B 227 16.48 -16.80 12.00
N ALA B 228 17.74 -17.06 12.30
CA ALA B 228 18.09 -18.09 13.26
C ALA B 228 17.35 -17.85 14.59
N CYS B 229 17.33 -16.61 15.05
CA CYS B 229 16.65 -16.24 16.29
C CYS B 229 15.13 -16.27 16.18
N ASP B 230 14.62 -15.81 15.05
CA ASP B 230 13.18 -15.75 14.81
C ASP B 230 12.55 -17.14 14.76
N LEU B 231 13.33 -18.13 14.34
CA LEU B 231 12.85 -19.51 14.22
C LEU B 231 13.31 -20.41 15.36
N SER B 232 14.11 -19.85 16.26
CA SER B 232 14.69 -20.59 17.39
C SER B 232 13.72 -21.41 18.24
N ALA B 233 12.43 -21.14 18.13
CA ALA B 233 11.44 -21.90 18.89
C ALA B 233 11.57 -23.38 18.51
N ILE B 234 11.96 -23.63 17.27
CA ILE B 234 12.11 -24.98 16.71
C ILE B 234 13.27 -25.78 17.34
N THR B 235 14.14 -25.09 18.08
CA THR B 235 15.27 -25.76 18.72
C THR B 235 15.08 -26.00 20.21
N LYS B 236 13.97 -25.52 20.77
CA LYS B 236 13.68 -25.65 22.20
C LYS B 236 13.48 -27.06 22.77
N PRO B 237 13.68 -27.21 24.09
CA PRO B 237 13.50 -28.52 24.75
C PRO B 237 12.12 -29.03 24.32
N TRP B 238 12.06 -30.28 23.93
CA TRP B 238 10.83 -30.89 23.42
C TRP B 238 9.51 -30.45 24.04
N PRO B 239 9.32 -30.64 25.37
CA PRO B 239 8.03 -30.19 25.88
C PRO B 239 7.75 -28.71 25.64
N ILE B 240 8.80 -27.92 25.45
CA ILE B 240 8.61 -26.49 25.20
C ILE B 240 8.32 -26.28 23.71
N GLN B 241 9.10 -26.92 22.84
CA GLN B 241 8.89 -26.81 21.39
C GLN B 241 7.49 -27.28 21.04
N GLN B 242 7.04 -28.35 21.67
CA GLN B 242 5.71 -28.88 21.40
C GLN B 242 4.63 -27.86 21.79
N ARG B 243 4.83 -27.15 22.88
CA ARG B 243 3.86 -26.14 23.28
C ARG B 243 3.88 -24.97 22.29
N ILE B 244 5.07 -24.58 21.84
CA ILE B 244 5.19 -23.47 20.91
C ILE B 244 4.59 -23.87 19.54
N ALA B 245 4.86 -25.09 19.11
CA ALA B 245 4.34 -25.59 17.84
C ALA B 245 2.83 -25.50 17.87
N GLU B 246 2.26 -25.73 19.04
CA GLU B 246 0.80 -25.68 19.19
C GLU B 246 0.33 -24.23 19.00
N LEU B 247 1.14 -23.26 19.42
CA LEU B 247 0.74 -21.86 19.26
C LEU B 247 0.74 -21.49 17.78
N VAL B 248 1.74 -21.98 17.04
CA VAL B 248 1.83 -21.70 15.62
C VAL B 248 0.59 -22.29 14.91
N ALA B 249 0.32 -23.57 15.16
CA ALA B 249 -0.83 -24.23 14.54
C ALA B 249 -2.12 -23.51 14.89
N THR B 250 -2.23 -23.05 16.13
CA THR B 250 -3.43 -22.33 16.55
C THR B 250 -3.61 -21.06 15.73
N GLU B 251 -2.51 -20.36 15.46
CA GLU B 251 -2.62 -19.12 14.70
C GLU B 251 -3.06 -19.46 13.27
N PHE B 252 -2.50 -20.55 12.73
CA PHE B 252 -2.85 -20.99 11.37
C PHE B 252 -4.33 -21.37 11.31
N PHE B 253 -4.78 -22.17 12.27
CA PHE B 253 -6.17 -22.61 12.29
C PHE B 253 -7.12 -21.45 12.51
N ASP B 254 -6.71 -20.49 13.35
CA ASP B 254 -7.56 -19.33 13.59
C ASP B 254 -7.80 -18.59 12.30
N GLN B 255 -6.76 -18.48 11.48
CA GLN B 255 -6.90 -17.79 10.21
C GLN B 255 -7.86 -18.61 9.34
N GLY B 256 -7.69 -19.93 9.38
CA GLY B 256 -8.56 -20.78 8.60
C GLY B 256 -10.02 -20.59 8.96
N ASP B 257 -10.34 -20.62 10.26
CA ASP B 257 -11.73 -20.45 10.67
C ASP B 257 -12.23 -19.07 10.27
N ARG B 258 -11.35 -18.09 10.44
CA ARG B 258 -11.67 -16.70 10.12
C ARG B 258 -12.00 -16.50 8.64
N GLU B 259 -11.24 -17.14 7.75
CA GLU B 259 -11.48 -16.99 6.32
C GLU B 259 -12.75 -17.70 5.86
N ARG B 260 -13.10 -18.80 6.50
CA ARG B 260 -14.31 -19.53 6.16
C ARG B 260 -15.52 -18.65 6.48
N LYS B 261 -15.40 -17.90 7.56
CA LYS B 261 -16.49 -17.02 8.00
C LYS B 261 -16.57 -15.74 7.19
N GLU B 262 -15.41 -15.16 6.86
CA GLU B 262 -15.38 -13.92 6.11
C GLU B 262 -15.37 -14.06 4.59
N LEU B 263 -14.55 -14.96 4.06
CA LEU B 263 -14.46 -15.16 2.62
C LEU B 263 -15.25 -16.38 2.20
N ASN B 264 -15.78 -17.09 3.18
CA ASN B 264 -16.55 -18.30 2.95
C ASN B 264 -15.80 -19.31 2.09
N ILE B 265 -14.48 -19.40 2.27
CA ILE B 265 -13.70 -20.38 1.52
C ILE B 265 -13.17 -21.42 2.50
N GLU B 266 -12.92 -22.63 2.01
CA GLU B 266 -12.39 -23.67 2.86
C GLU B 266 -10.89 -23.48 3.00
N PRO B 267 -10.34 -23.81 4.17
CA PRO B 267 -8.90 -23.67 4.46
C PRO B 267 -8.01 -24.69 3.79
N THR B 268 -6.80 -24.26 3.49
CA THR B 268 -5.78 -25.13 2.91
C THR B 268 -5.35 -26.01 4.09
N ASP B 269 -4.68 -27.12 3.81
CA ASP B 269 -4.25 -28.03 4.87
C ASP B 269 -3.58 -27.29 6.04
N LEU B 270 -2.60 -26.45 5.73
CA LEU B 270 -1.89 -25.70 6.75
C LEU B 270 -2.80 -25.00 7.75
N MET B 271 -3.94 -24.50 7.31
CA MET B 271 -4.81 -23.78 8.20
C MET B 271 -6.12 -24.48 8.50
N ASN B 272 -6.10 -25.80 8.30
CA ASN B 272 -7.28 -26.63 8.52
C ASN B 272 -7.15 -27.41 9.82
N ARG B 273 -7.91 -27.00 10.83
CA ARG B 273 -7.90 -27.66 12.14
C ARG B 273 -8.16 -29.15 12.00
N GLU B 274 -8.91 -29.54 10.97
CA GLU B 274 -9.22 -30.94 10.74
C GLU B 274 -8.01 -31.75 10.27
N LYS B 275 -6.95 -31.05 9.90
CA LYS B 275 -5.73 -31.71 9.42
C LYS B 275 -4.58 -31.67 10.42
N LYS B 276 -4.92 -31.51 11.70
CA LYS B 276 -3.92 -31.46 12.76
C LYS B 276 -2.94 -32.62 12.67
N ASN B 277 -3.41 -33.77 12.22
CA ASN B 277 -2.59 -34.97 12.12
C ASN B 277 -1.41 -34.86 11.17
N LYS B 278 -1.33 -33.77 10.41
CA LYS B 278 -0.22 -33.61 9.47
C LYS B 278 0.92 -32.77 10.06
N ILE B 279 0.64 -32.15 11.20
CA ILE B 279 1.63 -31.31 11.87
C ILE B 279 3.01 -31.97 11.99
N PRO B 280 3.08 -33.19 12.55
CA PRO B 280 4.37 -33.85 12.68
C PRO B 280 5.21 -33.86 11.39
N SER B 281 4.65 -34.42 10.32
CA SER B 281 5.38 -34.48 9.06
C SER B 281 5.70 -33.08 8.54
N MET B 282 4.81 -32.13 8.77
CA MET B 282 5.07 -30.79 8.30
C MET B 282 6.18 -30.14 9.10
N GLN B 283 6.26 -30.44 10.39
CA GLN B 283 7.31 -29.89 11.22
C GLN B 283 8.66 -30.43 10.73
N VAL B 284 8.69 -31.72 10.41
CA VAL B 284 9.90 -32.37 9.92
C VAL B 284 10.38 -31.76 8.60
N GLY B 285 9.45 -31.52 7.68
CA GLY B 285 9.82 -30.93 6.41
C GLY B 285 10.31 -29.51 6.61
N PHE B 286 9.66 -28.80 7.54
CA PHE B 286 10.05 -27.42 7.81
C PHE B 286 11.48 -27.41 8.30
N ILE B 287 11.82 -28.35 9.18
CA ILE B 287 13.17 -28.43 9.71
C ILE B 287 14.15 -28.77 8.59
N ASP B 288 13.76 -29.67 7.71
CA ASP B 288 14.64 -30.08 6.62
C ASP B 288 14.86 -28.98 5.59
N ALA B 289 13.78 -28.32 5.18
CA ALA B 289 13.86 -27.29 4.15
C ALA B 289 14.39 -25.93 4.58
N ILE B 290 14.17 -25.58 5.84
CA ILE B 290 14.56 -24.26 6.34
C ILE B 290 15.54 -24.16 7.50
N CYS B 291 15.29 -24.92 8.56
CA CYS B 291 16.09 -24.85 9.77
C CYS B 291 17.48 -25.48 9.88
N LEU B 292 17.60 -26.78 9.62
CA LEU B 292 18.89 -27.47 9.76
C LEU B 292 20.10 -26.80 9.13
N GLN B 293 19.99 -26.41 7.88
CA GLN B 293 21.11 -25.78 7.19
C GLN B 293 21.54 -24.48 7.87
N LEU B 294 20.55 -23.72 8.30
CA LEU B 294 20.82 -22.45 8.95
C LEU B 294 21.59 -22.67 10.25
N TYR B 295 21.09 -23.54 11.11
CA TYR B 295 21.77 -23.79 12.39
C TYR B 295 23.12 -24.46 12.19
N GLU B 296 23.25 -25.28 11.14
CA GLU B 296 24.54 -25.90 10.86
C GLU B 296 25.51 -24.80 10.45
N ALA B 297 25.04 -23.89 9.60
CA ALA B 297 25.87 -22.78 9.13
C ALA B 297 26.29 -21.88 10.30
N LEU B 298 25.32 -21.50 11.12
CA LEU B 298 25.62 -20.64 12.26
C LEU B 298 26.68 -21.30 13.15
N THR B 299 26.58 -22.61 13.30
CA THR B 299 27.53 -23.35 14.13
C THR B 299 28.95 -23.32 13.55
N HIS B 300 29.05 -23.25 12.23
CA HIS B 300 30.36 -23.19 11.61
C HIS B 300 30.96 -21.81 11.88
N VAL B 301 30.10 -20.80 11.92
CA VAL B 301 30.54 -19.43 12.19
C VAL B 301 31.01 -19.33 13.65
N SER B 302 30.25 -19.96 14.55
CA SER B 302 30.59 -19.94 15.96
C SER B 302 30.13 -21.25 16.60
N GLU B 303 31.10 -22.13 16.85
CA GLU B 303 30.81 -23.44 17.43
C GLU B 303 29.96 -23.39 18.69
N ASP B 304 30.06 -22.29 19.44
CA ASP B 304 29.30 -22.14 20.68
C ASP B 304 27.79 -22.00 20.46
N CYS B 305 27.38 -21.92 19.20
CA CYS B 305 25.95 -21.83 18.88
C CYS B 305 25.43 -23.24 18.61
N PHE B 306 26.33 -24.22 18.70
CA PHE B 306 25.95 -25.62 18.48
C PHE B 306 24.64 -26.03 19.15
N PRO B 307 24.39 -25.60 20.41
CA PRO B 307 23.15 -25.99 21.08
C PRO B 307 21.88 -25.78 20.26
N LEU B 308 21.87 -24.78 19.39
CA LEU B 308 20.71 -24.52 18.56
C LEU B 308 20.58 -25.65 17.54
N LEU B 309 21.69 -26.02 16.94
CA LEU B 309 21.67 -27.10 15.96
C LEU B 309 21.29 -28.41 16.64
N ASP B 310 21.87 -28.66 17.82
CA ASP B 310 21.61 -29.88 18.58
C ASP B 310 20.13 -30.02 18.91
N GLY B 311 19.54 -28.94 19.43
CA GLY B 311 18.13 -28.96 19.77
C GLY B 311 17.23 -29.19 18.57
N CYS B 312 17.61 -28.59 17.43
CA CYS B 312 16.86 -28.72 16.20
C CYS B 312 16.86 -30.18 15.74
N ARG B 313 18.04 -30.80 15.73
CA ARG B 313 18.17 -32.20 15.34
C ARG B 313 17.31 -33.10 16.23
N LYS B 314 17.41 -32.89 17.54
CA LYS B 314 16.63 -33.70 18.48
C LYS B 314 15.13 -33.53 18.29
N ASN B 315 14.67 -32.29 18.08
CA ASN B 315 13.24 -32.08 17.89
C ASN B 315 12.78 -32.68 16.57
N ARG B 316 13.63 -32.68 15.54
CA ARG B 316 13.25 -33.27 14.27
C ARG B 316 12.95 -34.73 14.48
N GLN B 317 13.77 -35.39 15.30
CA GLN B 317 13.60 -36.79 15.60
C GLN B 317 12.30 -37.01 16.36
N LYS B 318 11.99 -36.11 17.28
CA LYS B 318 10.76 -36.20 18.04
C LYS B 318 9.58 -36.16 17.09
N TRP B 319 9.58 -35.17 16.20
CA TRP B 319 8.49 -35.02 15.25
C TRP B 319 8.38 -36.22 14.31
N GLN B 320 9.52 -36.73 13.83
CA GLN B 320 9.49 -37.91 12.95
C GLN B 320 8.85 -39.07 13.69
N ALA B 321 9.22 -39.24 14.96
CA ALA B 321 8.68 -40.32 15.77
C ALA B 321 7.16 -40.25 15.72
N LEU B 322 6.62 -39.05 15.85
CA LEU B 322 5.17 -38.86 15.80
C LEU B 322 4.65 -39.03 14.37
N ALA B 323 5.47 -38.65 13.39
CA ALA B 323 5.07 -38.77 11.99
C ALA B 323 4.84 -40.24 11.66
N GLU B 324 5.77 -41.09 12.07
CA GLU B 324 5.66 -42.53 11.83
C GLU B 324 4.52 -43.06 12.69
N GLN B 325 4.09 -42.25 13.65
CA GLN B 325 3.01 -42.57 14.57
C GLN B 325 3.39 -43.71 15.52
N GLN B 326 3.70 -43.36 16.76
CA GLN B 326 4.11 -44.31 17.79
C GLN B 326 3.00 -45.25 18.30
N GLU C 1 -19.14 44.36 -7.21
CA GLU C 1 -18.53 45.57 -6.56
C GLU C 1 -17.77 45.19 -5.30
N GLU C 2 -16.54 45.70 -5.21
CA GLU C 2 -15.71 45.44 -4.05
C GLU C 2 -16.26 46.20 -2.86
N THR C 3 -17.11 47.19 -3.14
CA THR C 3 -17.73 48.00 -2.10
C THR C 3 -18.93 47.27 -1.48
N ARG C 4 -19.65 46.51 -2.29
CA ARG C 4 -20.80 45.76 -1.79
C ARG C 4 -20.25 44.69 -0.85
N GLU C 5 -19.24 43.98 -1.33
CA GLU C 5 -18.60 42.92 -0.56
C GLU C 5 -18.09 43.44 0.78
N LEU C 6 -17.48 44.62 0.77
CA LEU C 6 -16.95 45.20 1.99
C LEU C 6 -18.03 45.47 3.02
N GLN C 7 -19.10 46.14 2.62
CA GLN C 7 -20.13 46.42 3.59
C GLN C 7 -20.90 45.19 4.03
N SER C 8 -20.94 44.17 3.18
CA SER C 8 -21.61 42.95 3.57
C SER C 8 -20.83 42.38 4.76
N LEU C 9 -19.51 42.28 4.57
CA LEU C 9 -18.62 41.75 5.59
C LEU C 9 -18.68 42.56 6.88
N ALA C 10 -18.57 43.88 6.78
CA ALA C 10 -18.60 44.75 7.93
C ALA C 10 -19.94 44.78 8.68
N ALA C 11 -21.04 44.61 7.96
CA ALA C 11 -22.35 44.65 8.59
C ALA C 11 -22.80 43.29 9.10
N ALA C 12 -22.23 42.21 8.56
CA ALA C 12 -22.61 40.87 8.99
C ALA C 12 -22.23 40.54 10.43
N VAL C 13 -22.95 39.61 11.02
CA VAL C 13 -22.68 39.18 12.39
C VAL C 13 -21.58 38.13 12.32
N VAL C 14 -20.58 38.26 13.20
CA VAL C 14 -19.48 37.31 13.24
C VAL C 14 -19.82 36.22 14.24
N PRO C 15 -20.16 35.01 13.75
CA PRO C 15 -20.49 33.94 14.70
C PRO C 15 -19.30 33.50 15.55
N SER C 16 -19.60 32.90 16.70
CA SER C 16 -18.56 32.43 17.62
C SER C 16 -17.66 31.40 16.96
N ALA C 17 -16.47 31.22 17.55
CA ALA C 17 -15.50 30.26 17.04
C ALA C 17 -16.11 28.86 17.07
N GLN C 18 -16.84 28.56 18.15
CA GLN C 18 -17.49 27.27 18.32
C GLN C 18 -18.48 27.00 17.19
N THR C 19 -19.30 27.99 16.86
CA THR C 19 -20.28 27.86 15.79
C THR C 19 -19.60 27.59 14.44
N LEU C 20 -18.54 28.34 14.17
CA LEU C 20 -17.80 28.20 12.91
C LEU C 20 -16.96 26.93 12.83
N LYS C 21 -16.67 26.33 13.98
CA LYS C 21 -15.88 25.11 14.02
C LYS C 21 -14.40 25.35 13.68
N ILE C 22 -13.96 26.60 13.71
CA ILE C 22 -12.57 26.89 13.35
C ILE C 22 -11.51 26.36 14.34
N THR C 23 -11.95 25.82 15.47
CA THR C 23 -11.00 25.28 16.42
C THR C 23 -10.69 23.81 16.11
N ASP C 24 -11.43 23.24 15.16
CA ASP C 24 -11.23 21.84 14.77
C ASP C 24 -10.10 21.66 13.78
N PHE C 25 -9.23 20.68 14.04
CA PHE C 25 -8.13 20.39 13.14
C PHE C 25 -8.74 19.77 11.89
N SER C 26 -9.90 19.15 12.05
CA SER C 26 -10.61 18.49 10.96
C SER C 26 -11.44 19.44 10.11
N PHE C 27 -11.42 20.72 10.48
CA PHE C 27 -12.16 21.74 9.77
C PHE C 27 -12.11 21.63 8.24
N SER C 28 -13.25 21.94 7.61
CA SER C 28 -13.33 21.96 6.15
C SER C 28 -14.04 23.23 5.73
N ASP C 29 -13.58 23.83 4.64
CA ASP C 29 -14.19 25.07 4.14
C ASP C 29 -15.14 24.84 2.96
N PHE C 30 -15.16 23.62 2.40
CA PHE C 30 -15.99 23.32 1.24
C PHE C 30 -17.43 23.81 1.26
N GLU C 31 -18.13 23.64 2.37
CA GLU C 31 -19.52 24.09 2.47
C GLU C 31 -19.65 25.57 2.83
N LEU C 32 -18.56 26.32 2.71
CA LEU C 32 -18.59 27.75 3.05
C LEU C 32 -18.44 28.69 1.86
N SER C 33 -19.10 29.85 1.95
CA SER C 33 -19.00 30.84 0.90
C SER C 33 -17.79 31.73 1.20
N ASP C 34 -17.40 32.54 0.23
CA ASP C 34 -16.28 33.44 0.43
C ASP C 34 -16.54 34.33 1.63
N LEU C 35 -17.69 35.01 1.64
CA LEU C 35 -18.02 35.89 2.75
C LEU C 35 -17.80 35.16 4.09
N GLU C 36 -18.34 33.95 4.21
CA GLU C 36 -18.20 33.19 5.44
C GLU C 36 -16.75 32.96 5.83
N THR C 37 -15.88 32.67 4.87
CA THR C 37 -14.47 32.45 5.21
C THR C 37 -13.91 33.75 5.75
N ALA C 38 -14.40 34.87 5.23
CA ALA C 38 -13.96 36.19 5.68
C ALA C 38 -14.41 36.38 7.13
N LEU C 39 -15.64 35.97 7.44
CA LEU C 39 -16.14 36.09 8.80
C LEU C 39 -15.29 35.22 9.72
N CYS C 40 -14.96 34.01 9.28
CA CYS C 40 -14.12 33.11 10.09
C CYS C 40 -12.80 33.80 10.39
N THR C 41 -12.26 34.46 9.38
CA THR C 41 -10.99 35.14 9.52
C THR C 41 -11.09 36.24 10.57
N ILE C 42 -12.19 36.97 10.56
CA ILE C 42 -12.39 38.03 11.55
C ILE C 42 -12.42 37.37 12.93
N ARG C 43 -13.16 36.27 13.04
CA ARG C 43 -13.27 35.54 14.31
C ARG C 43 -11.89 35.10 14.81
N MET C 44 -11.01 34.70 13.89
CA MET C 44 -9.66 34.28 14.27
C MET C 44 -8.88 35.44 14.89
N PHE C 45 -8.95 36.61 14.25
CA PHE C 45 -8.26 37.79 14.76
C PHE C 45 -8.82 38.20 16.12
N THR C 46 -10.15 38.14 16.23
CA THR C 46 -10.84 38.50 17.47
C THR C 46 -10.47 37.59 18.63
N ASP C 47 -10.67 36.28 18.46
CA ASP C 47 -10.39 35.30 19.51
C ASP C 47 -8.93 35.10 19.92
N LEU C 48 -8.00 35.64 19.14
CA LEU C 48 -6.60 35.55 19.49
C LEU C 48 -6.22 36.89 20.13
N ASN C 49 -7.24 37.70 20.40
CA ASN C 49 -7.09 39.01 21.04
C ASN C 49 -6.32 40.05 20.24
N LEU C 50 -6.12 39.78 18.96
CA LEU C 50 -5.38 40.69 18.09
C LEU C 50 -6.15 41.98 17.84
N VAL C 51 -7.46 41.87 17.65
CA VAL C 51 -8.28 43.04 17.39
C VAL C 51 -8.24 44.00 18.57
N GLN C 52 -8.29 43.41 19.76
CA GLN C 52 -8.26 44.16 21.01
C GLN C 52 -6.87 44.71 21.32
N ASN C 53 -5.89 43.83 21.41
CA ASN C 53 -4.54 44.25 21.76
C ASN C 53 -3.83 45.18 20.80
N PHE C 54 -4.22 45.18 19.53
CA PHE C 54 -3.58 46.06 18.57
C PHE C 54 -4.52 47.14 18.05
N GLN C 55 -5.64 47.33 18.74
CA GLN C 55 -6.62 48.37 18.41
C GLN C 55 -7.05 48.43 16.94
N MET C 56 -7.36 47.28 16.35
CA MET C 56 -7.77 47.27 14.95
C MET C 56 -9.20 47.76 14.76
N LYS C 57 -9.39 48.67 13.81
CA LYS C 57 -10.73 49.16 13.51
C LYS C 57 -11.42 48.09 12.67
N HIS C 58 -12.68 47.80 13.00
CA HIS C 58 -13.44 46.77 12.31
C HIS C 58 -13.42 46.91 10.79
N GLU C 59 -13.75 48.09 10.30
CA GLU C 59 -13.78 48.36 8.87
C GLU C 59 -12.44 48.15 8.19
N VAL C 60 -11.36 48.60 8.83
CA VAL C 60 -10.04 48.44 8.25
C VAL C 60 -9.66 46.96 8.13
N LEU C 61 -9.95 46.18 9.16
CA LEU C 61 -9.64 44.76 9.16
C LEU C 61 -10.43 44.04 8.07
N CYS C 62 -11.67 44.45 7.88
CA CYS C 62 -12.53 43.87 6.86
C CYS C 62 -11.97 44.13 5.48
N ARG C 63 -11.54 45.37 5.25
CA ARG C 63 -10.99 45.73 3.95
C ARG C 63 -9.65 45.02 3.71
N TRP C 64 -8.87 44.85 4.76
CA TRP C 64 -7.58 44.18 4.61
C TRP C 64 -7.80 42.73 4.22
N ILE C 65 -8.73 42.06 4.91
CA ILE C 65 -9.03 40.66 4.62
C ILE C 65 -9.51 40.51 3.18
N LEU C 66 -10.37 41.41 2.73
CA LEU C 66 -10.86 41.33 1.36
C LEU C 66 -9.75 41.64 0.36
N SER C 67 -8.83 42.53 0.72
CA SER C 67 -7.73 42.83 -0.20
C SER C 67 -6.83 41.60 -0.36
N VAL C 68 -6.61 40.89 0.74
CA VAL C 68 -5.79 39.69 0.71
C VAL C 68 -6.49 38.65 -0.16
N LYS C 69 -7.77 38.45 0.09
CA LYS C 69 -8.55 37.49 -0.68
C LYS C 69 -8.52 37.83 -2.17
N LYS C 70 -8.75 39.10 -2.50
CA LYS C 70 -8.75 39.53 -3.89
C LYS C 70 -7.41 39.34 -4.59
N ASN C 71 -6.32 39.33 -3.84
CA ASN C 71 -5.02 39.17 -4.49
C ASN C 71 -4.57 37.74 -4.72
N TYR C 72 -5.48 36.79 -4.56
CA TYR C 72 -5.18 35.40 -4.86
C TYR C 72 -5.92 35.17 -6.18
N ARG C 73 -5.48 34.22 -6.99
CA ARG C 73 -6.13 33.96 -8.26
C ARG C 73 -7.03 32.74 -8.17
N LYS C 74 -8.33 32.96 -8.24
CA LYS C 74 -9.27 31.86 -8.12
C LYS C 74 -9.16 30.85 -9.25
N ASN C 75 -8.51 31.23 -10.35
CA ASN C 75 -8.33 30.32 -11.47
C ASN C 75 -7.18 29.36 -11.23
N VAL C 76 -6.44 29.57 -10.14
CA VAL C 76 -5.34 28.67 -9.79
C VAL C 76 -6.03 27.60 -8.94
N ALA C 77 -5.92 26.34 -9.36
CA ALA C 77 -6.60 25.24 -8.69
C ALA C 77 -6.41 25.09 -7.19
N TYR C 78 -5.17 25.03 -6.72
CA TYR C 78 -4.92 24.84 -5.30
C TYR C 78 -4.44 26.06 -4.52
N HIS C 79 -3.36 26.68 -4.95
CA HIS C 79 -2.83 27.84 -4.24
C HIS C 79 -3.64 29.10 -4.49
N ASN C 80 -4.82 29.15 -3.89
CA ASN C 80 -5.72 30.28 -4.02
C ASN C 80 -6.14 30.72 -2.63
N TRP C 81 -7.12 31.63 -2.54
CA TRP C 81 -7.59 32.12 -1.25
C TRP C 81 -7.96 31.02 -0.24
N ARG C 82 -8.61 29.96 -0.71
CA ARG C 82 -9.01 28.89 0.19
C ARG C 82 -7.82 28.19 0.88
N HIS C 83 -6.71 28.00 0.18
CA HIS C 83 -5.56 27.38 0.82
C HIS C 83 -4.93 28.33 1.84
N ALA C 84 -4.95 29.63 1.54
CA ALA C 84 -4.39 30.62 2.46
C ALA C 84 -5.29 30.63 3.70
N PHE C 85 -6.60 30.66 3.47
CA PHE C 85 -7.58 30.65 4.55
C PHE C 85 -7.38 29.39 5.39
N ASN C 86 -7.21 28.25 4.72
CA ASN C 86 -7.02 26.99 5.44
C ASN C 86 -5.71 26.96 6.20
N THR C 87 -4.70 27.62 5.67
CA THR C 87 -3.41 27.64 6.37
C THR C 87 -3.61 28.41 7.67
N ALA C 88 -4.40 29.48 7.59
CA ALA C 88 -4.69 30.31 8.74
C ALA C 88 -5.55 29.59 9.78
N GLN C 89 -6.56 28.87 9.31
CA GLN C 89 -7.43 28.13 10.24
C GLN C 89 -6.61 27.08 10.98
N CYS C 90 -5.72 26.39 10.27
CA CYS C 90 -4.88 25.38 10.91
C CYS C 90 -4.04 26.06 11.98
N MET C 91 -3.51 27.24 11.66
CA MET C 91 -2.69 28.01 12.61
C MET C 91 -3.53 28.37 13.84
N PHE C 92 -4.79 28.73 13.61
CA PHE C 92 -5.67 29.07 14.72
C PHE C 92 -5.90 27.83 15.58
N ALA C 93 -6.10 26.70 14.92
CA ALA C 93 -6.34 25.42 15.59
C ALA C 93 -5.13 24.97 16.43
N ALA C 94 -3.95 25.08 15.83
CA ALA C 94 -2.72 24.69 16.51
C ALA C 94 -2.50 25.58 17.73
N LEU C 95 -2.87 26.85 17.63
CA LEU C 95 -2.72 27.79 18.74
C LEU C 95 -3.71 27.55 19.86
N LYS C 96 -4.95 27.24 19.50
CA LYS C 96 -6.02 27.00 20.49
C LYS C 96 -6.07 25.55 20.95
N ALA C 97 -6.68 24.69 20.15
CA ALA C 97 -6.79 23.27 20.49
C ALA C 97 -5.40 22.66 20.64
N GLY C 98 -4.47 23.09 19.79
CA GLY C 98 -3.12 22.58 19.84
C GLY C 98 -2.35 23.16 21.00
N LYS C 99 -2.90 24.21 21.60
CA LYS C 99 -2.28 24.88 22.75
C LYS C 99 -0.91 25.48 22.50
N ILE C 100 -0.65 25.92 21.26
CA ILE C 100 0.64 26.53 20.97
C ILE C 100 0.59 27.99 21.42
N GLN C 101 -0.62 28.53 21.56
CA GLN C 101 -0.78 29.93 21.95
C GLN C 101 0.02 30.41 23.16
N ASN C 102 -0.08 29.71 24.29
CA ASN C 102 0.63 30.16 25.48
C ASN C 102 2.15 30.07 25.38
N LYS C 103 2.67 29.61 24.24
CA LYS C 103 4.12 29.53 24.07
C LYS C 103 4.62 30.73 23.27
N LEU C 104 3.70 31.56 22.79
CA LEU C 104 4.08 32.70 21.97
C LEU C 104 3.58 34.03 22.50
N THR C 105 4.13 35.10 21.96
CA THR C 105 3.74 36.47 22.33
C THR C 105 2.67 37.00 21.35
N ASP C 106 2.02 38.09 21.72
CA ASP C 106 1.00 38.67 20.86
C ASP C 106 1.60 39.09 19.52
N LEU C 107 2.82 39.60 19.56
CA LEU C 107 3.49 40.03 18.34
C LEU C 107 3.75 38.84 17.42
N GLU C 108 4.17 37.72 18.01
CA GLU C 108 4.44 36.54 17.20
C GLU C 108 3.14 35.95 16.64
N ILE C 109 2.07 36.01 17.42
CA ILE C 109 0.81 35.47 16.97
C ILE C 109 0.28 36.37 15.86
N LEU C 110 0.42 37.67 16.04
CA LEU C 110 -0.02 38.63 15.05
C LEU C 110 0.66 38.32 13.71
N ALA C 111 1.99 38.23 13.74
CA ALA C 111 2.77 37.95 12.53
C ALA C 111 2.40 36.61 11.92
N LEU C 112 2.19 35.61 12.76
CA LEU C 112 1.84 34.27 12.28
C LEU C 112 0.51 34.21 11.57
N LEU C 113 -0.51 34.87 12.12
CA LEU C 113 -1.82 34.84 11.48
C LEU C 113 -1.76 35.56 10.14
N ILE C 114 -1.14 36.74 10.16
CA ILE C 114 -0.98 37.52 8.95
C ILE C 114 -0.20 36.72 7.87
N ALA C 115 0.91 36.12 8.28
CA ALA C 115 1.73 35.36 7.34
C ALA C 115 0.99 34.15 6.82
N ALA C 116 0.22 33.50 7.67
CA ALA C 116 -0.54 32.33 7.26
C ALA C 116 -1.50 32.71 6.14
N LEU C 117 -2.09 33.89 6.25
CA LEU C 117 -3.04 34.39 5.26
C LEU C 117 -2.39 34.99 4.01
N SER C 118 -1.14 35.41 4.12
CA SER C 118 -0.44 36.07 3.02
C SER C 118 0.71 35.34 2.35
N HIS C 119 1.08 34.16 2.83
CA HIS C 119 2.25 33.46 2.27
C HIS C 119 2.25 33.02 0.80
N ASP C 120 1.08 32.95 0.17
CA ASP C 120 1.03 32.55 -1.24
C ASP C 120 0.38 33.64 -2.13
N LEU C 121 0.33 34.88 -1.61
CA LEU C 121 -0.26 35.98 -2.35
C LEU C 121 0.29 36.09 -3.78
N ASP C 122 -0.63 36.28 -4.72
CA ASP C 122 -0.32 36.41 -6.14
C ASP C 122 0.32 35.16 -6.76
N HIS C 123 0.01 34.00 -6.19
CA HIS C 123 0.53 32.73 -6.70
C HIS C 123 -0.09 32.52 -8.09
N ARG C 124 0.69 32.01 -9.02
CA ARG C 124 0.18 31.80 -10.37
C ARG C 124 0.09 30.31 -10.76
N GLY C 125 0.21 29.44 -9.78
CA GLY C 125 0.12 28.02 -10.08
C GLY C 125 1.40 27.39 -10.58
N VAL C 126 2.53 28.01 -10.27
CA VAL C 126 3.82 27.46 -10.66
C VAL C 126 4.42 26.75 -9.46
N ASN C 127 4.84 25.50 -9.65
CA ASN C 127 5.42 24.70 -8.58
C ASN C 127 6.76 24.08 -8.92
N ASN C 128 7.59 23.91 -7.90
CA ASN C 128 8.89 23.28 -8.04
C ASN C 128 8.73 21.82 -7.63
N SER C 129 9.69 20.99 -8.01
CA SER C 129 9.64 19.57 -7.65
C SER C 129 10.81 19.22 -6.74
N TYR C 130 10.50 18.74 -5.54
CA TYR C 130 11.54 18.36 -4.58
C TYR C 130 11.36 16.91 -4.14
N ILE C 131 11.16 16.04 -5.13
CA ILE C 131 10.96 14.61 -4.89
C ILE C 131 12.15 14.07 -4.12
N GLN C 132 11.88 13.61 -2.89
CA GLN C 132 12.93 13.06 -2.03
C GLN C 132 13.36 11.68 -2.51
N ARG C 133 14.67 11.46 -2.58
CA ARG C 133 15.16 10.16 -3.03
C ARG C 133 15.11 9.13 -1.89
N CYS C 143 16.47 26.66 -4.39
CA CYS C 143 16.67 28.05 -4.93
C CYS C 143 17.07 29.00 -3.80
N HIS C 144 16.41 30.16 -3.74
CA HIS C 144 16.70 31.16 -2.72
C HIS C 144 15.42 31.88 -2.29
N SER C 145 14.31 31.13 -2.32
CA SER C 145 12.99 31.62 -1.92
C SER C 145 12.58 32.90 -2.63
N ILE C 146 13.00 33.06 -3.88
CA ILE C 146 12.65 34.27 -4.57
C ILE C 146 11.13 34.48 -4.73
N MET C 147 10.37 33.40 -4.95
CA MET C 147 8.92 33.57 -5.07
C MET C 147 8.35 33.99 -3.72
N GLU C 148 8.87 33.42 -2.64
CA GLU C 148 8.42 33.77 -1.30
C GLU C 148 8.73 35.24 -1.02
N HIS C 149 9.82 35.75 -1.59
CA HIS C 149 10.12 37.17 -1.39
C HIS C 149 9.03 38.01 -2.06
N HIS C 150 8.56 37.54 -3.21
CA HIS C 150 7.50 38.24 -3.93
C HIS C 150 6.20 38.16 -3.13
N HIS C 151 5.96 37.00 -2.51
CA HIS C 151 4.76 36.83 -1.69
C HIS C 151 4.82 37.85 -0.56
N PHE C 152 5.97 37.92 0.10
CA PHE C 152 6.13 38.88 1.20
C PHE C 152 5.90 40.31 0.70
N ASP C 153 6.49 40.65 -0.46
CA ASP C 153 6.32 42.00 -1.01
C ASP C 153 4.84 42.31 -1.18
N GLN C 154 4.09 41.35 -1.71
CA GLN C 154 2.66 41.52 -1.91
C GLN C 154 1.99 41.74 -0.57
N CYS C 155 2.42 41.00 0.45
CA CYS C 155 1.88 41.11 1.80
C CYS C 155 2.10 42.52 2.32
N LEU C 156 3.33 43.00 2.19
CA LEU C 156 3.70 44.34 2.64
C LEU C 156 2.87 45.40 1.91
N MET C 157 2.78 45.27 0.59
CA MET C 157 2.02 46.19 -0.23
C MET C 157 0.60 46.36 0.28
N ILE C 158 -0.06 45.25 0.62
CA ILE C 158 -1.42 45.31 1.11
C ILE C 158 -1.49 45.91 2.51
N LEU C 159 -0.57 45.50 3.38
CA LEU C 159 -0.55 46.01 4.75
C LEU C 159 -0.44 47.53 4.79
N ASN C 160 0.23 48.10 3.79
CA ASN C 160 0.41 49.54 3.72
C ASN C 160 -0.52 50.29 2.77
N SER C 161 -1.58 49.62 2.29
CA SER C 161 -2.53 50.26 1.38
C SER C 161 -3.54 51.07 2.17
N PRO C 162 -3.82 52.31 1.72
CA PRO C 162 -4.78 53.14 2.45
C PRO C 162 -6.06 52.37 2.74
N GLY C 163 -6.52 52.47 3.99
CA GLY C 163 -7.72 51.78 4.41
C GLY C 163 -7.53 50.33 4.78
N ASN C 164 -6.32 49.81 4.63
CA ASN C 164 -6.04 48.39 4.93
C ASN C 164 -4.96 48.21 5.99
N GLN C 165 -4.55 49.28 6.64
CA GLN C 165 -3.47 49.19 7.61
C GLN C 165 -3.83 48.70 9.00
N ILE C 166 -3.91 47.38 9.14
CA ILE C 166 -4.26 46.79 10.43
C ILE C 166 -3.11 46.89 11.43
N LEU C 167 -1.93 47.33 10.97
CA LEU C 167 -0.79 47.48 11.88
C LEU C 167 -0.55 48.95 12.23
N SER C 168 -1.47 49.83 11.87
CA SER C 168 -1.30 51.26 12.15
C SER C 168 -1.21 51.60 13.64
N GLY C 169 -1.73 50.73 14.49
CA GLY C 169 -1.67 50.99 15.93
C GLY C 169 -0.36 50.58 16.60
N LEU C 170 0.55 50.00 15.85
CA LEU C 170 1.83 49.58 16.41
C LEU C 170 2.82 50.71 16.35
N SER C 171 3.75 50.75 17.31
CA SER C 171 4.76 51.79 17.31
C SER C 171 5.71 51.42 16.18
N ILE C 172 6.64 52.31 15.87
CA ILE C 172 7.60 52.05 14.82
C ILE C 172 8.39 50.77 15.09
N GLU C 173 8.85 50.60 16.33
CA GLU C 173 9.64 49.42 16.71
C GLU C 173 8.81 48.13 16.71
N GLU C 174 7.56 48.22 17.13
CA GLU C 174 6.70 47.05 17.17
C GLU C 174 6.36 46.60 15.74
N TYR C 175 6.20 47.58 14.86
CA TYR C 175 5.89 47.32 13.46
C TYR C 175 7.09 46.60 12.82
N LYS C 176 8.28 47.15 13.05
CA LYS C 176 9.50 46.55 12.52
C LYS C 176 9.66 45.10 12.97
N THR C 177 9.47 44.89 14.27
CA THR C 177 9.60 43.55 14.85
C THR C 177 8.62 42.60 14.16
N THR C 178 7.40 43.07 13.97
CA THR C 178 6.35 42.27 13.35
C THR C 178 6.63 41.91 11.89
N LEU C 179 7.07 42.87 11.09
CA LEU C 179 7.37 42.60 9.68
C LEU C 179 8.52 41.62 9.53
N LYS C 180 9.48 41.67 10.45
CA LYS C 180 10.61 40.75 10.40
C LYS C 180 10.11 39.32 10.63
N ILE C 181 9.18 39.16 11.57
CA ILE C 181 8.62 37.85 11.87
C ILE C 181 7.75 37.39 10.71
N ILE C 182 6.90 38.27 10.21
CA ILE C 182 6.05 37.93 9.07
C ILE C 182 6.89 37.48 7.87
N LYS C 183 7.96 38.22 7.58
CA LYS C 183 8.83 37.89 6.46
C LYS C 183 9.45 36.50 6.63
N GLN C 184 10.00 36.22 7.81
CA GLN C 184 10.60 34.91 8.08
C GLN C 184 9.55 33.79 7.97
N ALA C 185 8.33 34.07 8.45
CA ALA C 185 7.26 33.07 8.38
C ALA C 185 6.89 32.77 6.92
N ILE C 186 6.74 33.82 6.12
CA ILE C 186 6.41 33.63 4.71
C ILE C 186 7.54 32.91 3.97
N LEU C 187 8.78 33.34 4.19
CA LEU C 187 9.90 32.69 3.52
C LEU C 187 9.95 31.22 3.95
N ALA C 188 9.53 30.96 5.17
CA ALA C 188 9.52 29.61 5.69
C ALA C 188 8.63 28.69 4.84
N THR C 189 7.58 29.24 4.19
CA THR C 189 6.70 28.40 3.38
C THR C 189 7.37 27.89 2.10
N ASP C 190 8.63 28.25 1.90
CA ASP C 190 9.37 27.74 0.75
C ASP C 190 9.79 26.35 1.19
N LEU C 191 9.17 25.32 0.61
CA LEU C 191 9.48 23.94 0.99
C LEU C 191 10.97 23.62 0.97
N ALA C 192 11.73 24.26 0.07
CA ALA C 192 13.16 24.01 0.01
C ALA C 192 13.82 24.45 1.32
N LEU C 193 13.35 25.58 1.88
CA LEU C 193 13.89 26.07 3.14
C LEU C 193 13.48 25.12 4.27
N TYR C 194 12.29 24.57 4.16
CA TYR C 194 11.81 23.63 5.17
C TYR C 194 12.72 22.41 5.17
N ILE C 195 12.94 21.84 4.00
CA ILE C 195 13.77 20.66 3.87
C ILE C 195 15.18 20.94 4.34
N LYS C 196 15.66 22.15 4.04
CA LYS C 196 17.01 22.53 4.42
C LYS C 196 17.22 22.66 5.92
N ARG C 197 16.22 23.18 6.64
CA ARG C 197 16.40 23.37 8.07
C ARG C 197 15.76 22.36 9.03
N ARG C 198 14.89 21.50 8.54
CA ARG C 198 14.22 20.56 9.43
C ARG C 198 15.16 19.64 10.20
N GLY C 199 16.26 19.23 9.57
CA GLY C 199 17.21 18.36 10.24
C GLY C 199 17.62 18.89 11.60
N GLU C 200 17.92 20.20 11.66
CA GLU C 200 18.34 20.84 12.90
C GLU C 200 17.24 20.71 13.95
N PHE C 201 16.01 21.02 13.54
CA PHE C 201 14.85 20.95 14.42
C PHE C 201 14.64 19.53 14.94
N PHE C 202 14.61 18.56 14.03
CA PHE C 202 14.42 17.15 14.41
C PHE C 202 15.54 16.69 15.36
N GLU C 203 16.78 17.10 15.07
CA GLU C 203 17.89 16.71 15.92
C GLU C 203 17.78 17.27 17.33
N LEU C 204 17.35 18.52 17.44
CA LEU C 204 17.19 19.12 18.76
C LEU C 204 16.22 18.28 19.58
N ILE C 205 15.14 17.84 18.95
CA ILE C 205 14.14 17.03 19.62
C ILE C 205 14.65 15.63 19.97
N ARG C 206 15.42 15.03 19.07
CA ARG C 206 15.96 13.69 19.32
C ARG C 206 16.90 13.68 20.52
N LYS C 207 17.73 14.70 20.65
CA LYS C 207 18.66 14.77 21.75
C LYS C 207 18.06 15.48 22.95
N ASN C 208 16.75 15.72 22.89
CA ASN C 208 16.02 16.40 23.96
C ASN C 208 16.72 17.69 24.39
N GLN C 209 17.10 18.48 23.40
CA GLN C 209 17.78 19.76 23.60
C GLN C 209 16.95 20.95 23.10
N PHE C 210 15.72 20.70 22.69
CA PHE C 210 14.86 21.77 22.17
C PHE C 210 14.43 22.75 23.27
N ASN C 211 14.71 24.03 23.06
CA ASN C 211 14.38 25.06 24.04
C ASN C 211 13.82 26.32 23.37
N LEU C 212 12.52 26.56 23.53
CA LEU C 212 11.88 27.73 22.92
C LEU C 212 12.36 29.08 23.42
N GLU C 213 13.00 29.12 24.59
CA GLU C 213 13.49 30.39 25.13
C GLU C 213 14.65 30.88 24.30
N ASP C 214 15.34 29.96 23.64
CA ASP C 214 16.45 30.34 22.78
C ASP C 214 15.84 30.94 21.52
N PRO C 215 16.00 32.26 21.33
CA PRO C 215 15.46 32.94 20.14
C PRO C 215 15.73 32.26 18.81
N HIS C 216 16.90 31.65 18.66
CA HIS C 216 17.20 30.98 17.41
C HIS C 216 16.27 29.77 17.23
N GLN C 217 16.06 29.02 18.30
CA GLN C 217 15.21 27.85 18.23
C GLN C 217 13.74 28.23 18.07
N LYS C 218 13.37 29.37 18.64
CA LYS C 218 11.99 29.83 18.53
C LYS C 218 11.67 30.13 17.07
N GLU C 219 12.57 30.86 16.41
CA GLU C 219 12.38 31.21 15.01
C GLU C 219 12.35 29.95 14.15
N LEU C 220 13.18 28.97 14.52
CA LEU C 220 13.23 27.71 13.80
C LEU C 220 11.87 27.03 13.92
N PHE C 221 11.33 27.04 15.13
CA PHE C 221 10.03 26.43 15.39
C PHE C 221 8.90 27.14 14.65
N LEU C 222 8.92 28.46 14.63
CA LEU C 222 7.87 29.21 13.93
C LEU C 222 7.91 28.83 12.45
N ALA C 223 9.10 28.63 11.90
CA ALA C 223 9.22 28.24 10.50
C ALA C 223 8.60 26.85 10.32
N MET C 224 8.93 25.93 11.21
CA MET C 224 8.40 24.58 11.12
C MET C 224 6.88 24.58 11.28
N LEU C 225 6.36 25.48 12.10
CA LEU C 225 4.93 25.60 12.35
C LEU C 225 4.21 26.11 11.10
N MET C 226 4.85 27.01 10.36
CA MET C 226 4.26 27.54 9.14
C MET C 226 4.11 26.40 8.14
N THR C 227 5.13 25.56 8.04
CA THR C 227 5.10 24.42 7.11
C THR C 227 3.99 23.46 7.53
N ALA C 228 3.94 23.16 8.82
CA ALA C 228 2.91 22.28 9.35
C ALA C 228 1.50 22.77 8.94
N CYS C 229 1.26 24.06 9.08
CA CYS C 229 -0.04 24.61 8.72
C CYS C 229 -0.23 24.62 7.19
N ASP C 230 0.83 24.95 6.48
CA ASP C 230 0.80 25.01 5.02
C ASP C 230 0.49 23.67 4.36
N LEU C 231 0.95 22.58 4.96
CA LEU C 231 0.71 21.25 4.38
C LEU C 231 -0.43 20.48 5.06
N SER C 232 -1.09 21.09 6.04
CA SER C 232 -2.13 20.39 6.80
C SER C 232 -3.28 19.74 6.04
N ALA C 233 -3.37 19.97 4.73
CA ALA C 233 -4.46 19.33 3.99
C ALA C 233 -4.20 17.83 4.05
N ILE C 234 -2.93 17.47 4.11
CA ILE C 234 -2.53 16.08 4.16
C ILE C 234 -3.01 15.36 5.41
N THR C 235 -3.49 16.12 6.40
CA THR C 235 -3.96 15.54 7.66
C THR C 235 -5.49 15.49 7.79
N LYS C 236 -6.20 16.06 6.82
CA LYS C 236 -7.65 16.08 6.88
C LYS C 236 -8.30 14.70 6.77
N PRO C 237 -9.56 14.58 7.26
CA PRO C 237 -10.26 13.30 7.18
C PRO C 237 -10.26 12.85 5.72
N TRP C 238 -10.13 11.56 5.50
CA TRP C 238 -10.07 10.97 4.16
C TRP C 238 -10.89 11.62 3.03
N PRO C 239 -12.21 11.72 3.20
CA PRO C 239 -12.99 12.34 2.12
C PRO C 239 -12.55 13.78 1.81
N ILE C 240 -12.09 14.49 2.83
CA ILE C 240 -11.65 15.86 2.63
C ILE C 240 -10.27 15.87 1.97
N GLN C 241 -9.38 14.99 2.44
CA GLN C 241 -8.03 14.91 1.90
C GLN C 241 -8.10 14.58 0.40
N GLN C 242 -9.03 13.71 0.03
CA GLN C 242 -9.19 13.33 -1.38
C GLN C 242 -9.54 14.53 -2.27
N ARG C 243 -10.52 15.33 -1.84
CA ARG C 243 -10.90 16.49 -2.62
C ARG C 243 -9.74 17.47 -2.72
N ILE C 244 -9.01 17.61 -1.62
CA ILE C 244 -7.89 18.53 -1.62
C ILE C 244 -6.72 18.03 -2.46
N ALA C 245 -6.52 16.72 -2.48
CA ALA C 245 -5.42 16.16 -3.27
C ALA C 245 -5.72 16.31 -4.76
N GLU C 246 -7.01 16.33 -5.11
CA GLU C 246 -7.41 16.51 -6.50
C GLU C 246 -7.00 17.91 -6.96
N LEU C 247 -7.30 18.90 -6.13
CA LEU C 247 -6.96 20.28 -6.46
C LEU C 247 -5.46 20.38 -6.69
N VAL C 248 -4.69 19.79 -5.80
CA VAL C 248 -3.23 19.82 -5.93
C VAL C 248 -2.81 19.21 -7.26
N ALA C 249 -3.33 18.01 -7.54
CA ALA C 249 -2.99 17.32 -8.79
C ALA C 249 -3.36 18.17 -10.00
N THR C 250 -4.51 18.83 -9.95
CA THR C 250 -4.96 19.67 -11.04
C THR C 250 -3.96 20.80 -11.33
N GLU C 251 -3.56 21.52 -10.30
CA GLU C 251 -2.61 22.60 -10.48
C GLU C 251 -1.35 22.05 -11.13
N PHE C 252 -0.88 20.91 -10.65
CA PHE C 252 0.30 20.28 -11.21
C PHE C 252 0.09 20.03 -12.71
N PHE C 253 -1.05 19.42 -13.03
CA PHE C 253 -1.36 19.09 -14.42
C PHE C 253 -1.52 20.33 -15.29
N ASP C 254 -2.16 21.36 -14.76
CA ASP C 254 -2.33 22.60 -15.51
C ASP C 254 -0.97 23.18 -15.88
N GLN C 255 0.02 22.99 -15.01
CA GLN C 255 1.35 23.52 -15.32
C GLN C 255 1.98 22.65 -16.40
N GLY C 256 1.89 21.34 -16.24
CA GLY C 256 2.44 20.42 -17.22
C GLY C 256 1.85 20.72 -18.60
N ASP C 257 0.54 20.94 -18.64
CA ASP C 257 -0.15 21.26 -19.89
C ASP C 257 0.40 22.52 -20.54
N ARG C 258 0.40 23.64 -19.82
CA ARG C 258 0.88 24.88 -20.43
C ARG C 258 2.36 24.84 -20.79
N GLU C 259 3.18 24.17 -19.99
CA GLU C 259 4.59 24.11 -20.30
C GLU C 259 4.83 23.24 -21.54
N ARG C 260 3.90 22.35 -21.83
CA ARG C 260 4.03 21.52 -23.01
C ARG C 260 3.70 22.40 -24.22
N LYS C 261 2.54 23.05 -24.16
CA LYS C 261 2.07 23.93 -25.21
C LYS C 261 3.01 25.10 -25.49
N GLU C 262 3.27 25.89 -24.45
CA GLU C 262 4.11 27.08 -24.56
C GLU C 262 5.62 26.89 -24.61
N LEU C 263 6.13 25.90 -23.88
CA LEU C 263 7.57 25.71 -23.86
C LEU C 263 8.04 24.44 -24.55
N ASN C 264 7.09 23.64 -25.03
CA ASN C 264 7.43 22.40 -25.73
C ASN C 264 8.28 21.47 -24.86
N ILE C 265 7.92 21.36 -23.59
CA ILE C 265 8.67 20.49 -22.69
C ILE C 265 7.80 19.32 -22.23
N GLU C 266 8.39 18.12 -22.26
CA GLU C 266 7.69 16.92 -21.84
C GLU C 266 7.52 16.98 -20.33
N PRO C 267 6.29 16.83 -19.83
CA PRO C 267 6.05 16.89 -18.38
C PRO C 267 6.50 15.66 -17.59
N THR C 268 6.98 15.90 -16.38
CA THR C 268 7.40 14.83 -15.49
C THR C 268 6.09 14.18 -15.04
N ASP C 269 6.16 12.96 -14.54
CA ASP C 269 4.94 12.26 -14.09
C ASP C 269 4.12 13.16 -13.17
N LEU C 270 4.80 13.79 -12.22
CA LEU C 270 4.15 14.67 -11.26
C LEU C 270 3.16 15.62 -11.93
N MET C 271 3.55 16.19 -13.07
CA MET C 271 2.68 17.13 -13.75
C MET C 271 2.10 16.61 -15.05
N ASN C 272 2.10 15.29 -15.20
CA ASN C 272 1.56 14.65 -16.39
C ASN C 272 0.18 14.09 -16.06
N ARG C 273 -0.87 14.75 -16.53
CA ARG C 273 -2.23 14.31 -16.26
C ARG C 273 -2.48 12.84 -16.65
N GLU C 274 -1.72 12.31 -17.60
CA GLU C 274 -1.91 10.94 -18.02
C GLU C 274 -1.44 9.97 -16.94
N LYS C 275 -0.60 10.47 -16.05
CA LYS C 275 -0.07 9.68 -14.95
C LYS C 275 -0.87 9.88 -13.67
N LYS C 276 -2.14 10.23 -13.82
CA LYS C 276 -3.03 10.46 -12.68
C LYS C 276 -3.15 9.21 -11.79
N ASN C 277 -2.96 8.05 -12.41
CA ASN C 277 -3.06 6.77 -11.70
C ASN C 277 -1.96 6.57 -10.65
N LYS C 278 -0.82 7.25 -10.82
CA LYS C 278 0.29 7.11 -9.89
C LYS C 278 0.24 8.05 -8.68
N ILE C 279 -0.87 8.77 -8.54
CA ILE C 279 -1.04 9.69 -7.43
C ILE C 279 -0.95 9.02 -6.05
N PRO C 280 -1.63 7.88 -5.86
CA PRO C 280 -1.52 7.24 -4.53
C PRO C 280 -0.10 6.95 -4.05
N SER C 281 0.73 6.34 -4.89
CA SER C 281 2.09 6.04 -4.50
C SER C 281 2.90 7.33 -4.29
N MET C 282 2.54 8.38 -5.02
CA MET C 282 3.24 9.66 -4.87
C MET C 282 2.85 10.32 -3.56
N GLN C 283 1.58 10.18 -3.17
CA GLN C 283 1.10 10.75 -1.92
C GLN C 283 1.80 10.07 -0.75
N VAL C 284 2.00 8.76 -0.87
CA VAL C 284 2.67 7.98 0.17
C VAL C 284 4.11 8.44 0.34
N GLY C 285 4.81 8.64 -0.77
CA GLY C 285 6.18 9.08 -0.70
C GLY C 285 6.26 10.48 -0.12
N PHE C 286 5.28 11.31 -0.47
CA PHE C 286 5.20 12.68 0.00
C PHE C 286 5.00 12.68 1.51
N ILE C 287 4.09 11.85 1.99
CA ILE C 287 3.80 11.76 3.40
C ILE C 287 5.02 11.26 4.18
N ASP C 288 5.63 10.18 3.69
CA ASP C 288 6.79 9.58 4.35
C ASP C 288 8.03 10.46 4.39
N ALA C 289 8.34 11.10 3.28
CA ALA C 289 9.54 11.92 3.20
C ALA C 289 9.43 13.37 3.62
N ILE C 290 8.23 13.93 3.58
CA ILE C 290 8.03 15.33 3.91
C ILE C 290 7.12 15.64 5.10
N CYS C 291 6.03 14.91 5.20
CA CYS C 291 5.04 15.19 6.24
C CYS C 291 5.08 14.51 7.59
N LEU C 292 5.20 13.18 7.61
CA LEU C 292 5.20 12.43 8.86
C LEU C 292 6.08 13.00 9.96
N GLN C 293 7.38 13.12 9.68
CA GLN C 293 8.31 13.64 10.67
C GLN C 293 7.91 14.99 11.25
N LEU C 294 7.47 15.90 10.38
CA LEU C 294 7.06 17.22 10.85
C LEU C 294 5.96 17.11 11.88
N TYR C 295 4.90 16.38 11.54
CA TYR C 295 3.79 16.24 12.47
C TYR C 295 4.17 15.47 13.73
N GLU C 296 5.16 14.57 13.61
CA GLU C 296 5.63 13.85 14.77
C GLU C 296 6.39 14.85 15.66
N ALA C 297 7.27 15.64 15.05
CA ALA C 297 8.04 16.63 15.79
C ALA C 297 7.12 17.63 16.48
N LEU C 298 6.08 18.07 15.77
CA LEU C 298 5.14 19.03 16.33
C LEU C 298 4.47 18.47 17.58
N THR C 299 4.23 17.16 17.57
CA THR C 299 3.61 16.48 18.69
C THR C 299 4.55 16.50 19.90
N HIS C 300 5.86 16.57 19.66
CA HIS C 300 6.83 16.63 20.74
C HIS C 300 6.78 18.00 21.42
N VAL C 301 6.57 19.05 20.61
CA VAL C 301 6.50 20.41 21.16
C VAL C 301 5.21 20.57 21.96
N SER C 302 4.11 20.06 21.41
CA SER C 302 2.84 20.12 22.10
C SER C 302 2.01 18.90 21.78
N GLU C 303 1.84 18.07 22.78
CA GLU C 303 1.09 16.83 22.70
C GLU C 303 -0.32 17.03 22.11
N ASP C 304 -0.91 18.20 22.32
CA ASP C 304 -2.25 18.46 21.83
C ASP C 304 -2.37 18.66 20.32
N CYS C 305 -1.24 18.65 19.62
CA CYS C 305 -1.22 18.78 18.17
C CYS C 305 -1.26 17.37 17.55
N PHE C 306 -1.45 16.35 18.40
CA PHE C 306 -1.49 14.97 17.95
C PHE C 306 -2.52 14.71 16.85
N PRO C 307 -3.70 15.36 16.93
CA PRO C 307 -4.70 15.12 15.88
C PRO C 307 -4.14 15.29 14.47
N LEU C 308 -3.23 16.22 14.28
CA LEU C 308 -2.62 16.45 12.97
C LEU C 308 -1.82 15.23 12.54
N LEU C 309 -1.04 14.68 13.46
CA LEU C 309 -0.24 13.49 13.17
C LEU C 309 -1.16 12.29 12.94
N ASP C 310 -2.23 12.21 13.73
CA ASP C 310 -3.19 11.12 13.62
C ASP C 310 -3.78 11.12 12.20
N GLY C 311 -4.28 12.27 11.78
CA GLY C 311 -4.87 12.39 10.46
C GLY C 311 -3.90 12.06 9.33
N CYS C 312 -2.64 12.46 9.50
CA CYS C 312 -1.63 12.21 8.48
C CYS C 312 -1.43 10.70 8.36
N ARG C 313 -1.28 10.04 9.50
CA ARG C 313 -1.08 8.59 9.53
C ARG C 313 -2.24 7.87 8.85
N LYS C 314 -3.46 8.29 9.14
CA LYS C 314 -4.63 7.67 8.54
C LYS C 314 -4.62 7.83 7.04
N ASN C 315 -4.28 9.03 6.55
CA ASN C 315 -4.25 9.25 5.11
C ASN C 315 -3.18 8.41 4.42
N ARG C 316 -2.03 8.23 5.06
CA ARG C 316 -0.99 7.40 4.44
C ARG C 316 -1.48 5.96 4.28
N GLN C 317 -2.29 5.53 5.24
CA GLN C 317 -2.86 4.19 5.27
C GLN C 317 -3.81 4.04 4.09
N LYS C 318 -4.63 5.06 3.89
CA LYS C 318 -5.59 5.08 2.80
C LYS C 318 -4.95 5.12 1.42
N TRP C 319 -3.95 5.99 1.25
CA TRP C 319 -3.28 6.09 -0.04
C TRP C 319 -2.45 4.86 -0.34
N GLN C 320 -1.94 4.20 0.70
CA GLN C 320 -1.12 3.00 0.52
C GLN C 320 -1.98 1.86 0.00
N ALA C 321 -3.19 1.74 0.52
CA ALA C 321 -4.09 0.68 0.07
C ALA C 321 -4.37 0.86 -1.42
N LEU C 322 -4.59 2.10 -1.84
CA LEU C 322 -4.84 2.41 -3.24
C LEU C 322 -3.56 2.28 -4.05
N ALA C 323 -2.42 2.52 -3.43
CA ALA C 323 -1.14 2.42 -4.12
C ALA C 323 -0.89 0.97 -4.55
N GLU C 324 -1.36 0.04 -3.74
CA GLU C 324 -1.22 -1.38 -4.06
C GLU C 324 -2.25 -1.63 -5.16
N GLN C 325 -3.01 -0.58 -5.44
CA GLN C 325 -4.07 -0.53 -6.45
C GLN C 325 -5.22 -1.46 -6.06
N GLN C 326 -6.02 -0.99 -5.10
CA GLN C 326 -7.17 -1.74 -4.57
C GLN C 326 -8.02 -2.32 -5.67
ZN ZN D . -13.98 -16.53 -24.32
MG MG E . -12.47 -19.76 -26.93
C34 VIA F . -18.78 -21.54 -23.77
C33 VIA F . -19.58 -20.64 -22.84
C32 VIA F . -18.94 -20.57 -21.45
C30 VIA F . -19.82 -19.74 -20.52
N29 VIA F . -19.60 -18.49 -20.11
N28 VIA F . -20.53 -18.10 -19.41
C31 VIA F . -20.58 -16.76 -18.78
C24 VIA F . -21.48 -19.03 -19.28
C23 VIA F . -22.70 -19.08 -18.62
O27 VIA F . -23.14 -18.11 -18.00
N22 VIA F . -23.45 -20.26 -18.69
C21 VIA F . -22.95 -21.36 -19.41
N26 VIA F . -21.76 -21.26 -20.04
C25 VIA F . -21.05 -20.13 -19.98
C9 VIA F . -23.64 -22.56 -19.40
C8 VIA F . -22.98 -23.74 -19.07
C7 VIA F . -23.69 -24.93 -19.04
C6 VIA F . -25.05 -24.95 -19.32
C5 VIA F . -25.70 -23.76 -19.66
C4 VIA F . -25.00 -22.57 -19.70
O3 VIA F . -25.60 -21.40 -20.08
C2 VIA F . -26.99 -21.41 -19.74
C1 VIA F . -27.64 -20.15 -20.31
S10 VIA F . -22.86 -26.42 -18.59
O11 VIA F . -23.89 -27.50 -18.42
O12 VIA F . -22.16 -26.20 -17.29
N14 VIA F . -21.78 -26.89 -19.71
C19 VIA F . -22.39 -27.22 -21.01
C18 VIA F . -22.18 -26.14 -22.07
N17 VIA F . -20.76 -25.78 -22.14
C20 VIA F . -20.54 -24.85 -23.26
C16 VIA F . -20.45 -25.11 -20.87
C15 VIA F . -20.54 -26.11 -19.73
ZN ZN G . 8.95 -13.55 14.10
MG MG H . 6.88 -12.41 11.02
C34 VIA I . 5.36 -18.03 10.17
C33 VIA I . 5.68 -19.16 11.15
C32 VIA I . 7.16 -19.52 11.10
C30 VIA I . 7.47 -20.67 12.07
N29 VIA I . 8.15 -20.60 13.20
N28 VIA I . 8.18 -21.70 13.75
C31 VIA I . 8.92 -21.97 15.00
C24 VIA I . 7.51 -22.62 13.06
C23 VIA I . 7.24 -23.97 13.25
O27 VIA I . 7.58 -24.55 14.28
N22 VIA I . 6.50 -24.64 12.27
C21 VIA I . 6.06 -23.94 11.14
N26 VIA I . 6.33 -22.63 11.00
C25 VIA I . 7.03 -21.98 11.93
C9 VIA I . 5.36 -24.62 10.13
C8 VIA I . 5.84 -24.61 8.83
C7 VIA I . 5.14 -25.30 7.83
C6 VIA I . 3.98 -25.99 8.15
C5 VIA I . 3.51 -25.99 9.47
C4 VIA I . 4.20 -25.31 10.46
O3 VIA I . 3.75 -25.28 11.75
C2 VIA I . 3.12 -26.52 12.10
C1 VIA I . 2.58 -26.40 13.53
S10 VIA I . 5.77 -25.38 6.20
O11 VIA I . 5.17 -26.55 5.51
O12 VIA I . 7.26 -25.55 6.25
N14 VIA I . 5.40 -24.02 5.37
C19 VIA I . 3.95 -23.94 5.22
C18 VIA I . 3.53 -22.54 4.72
N17 VIA I . 4.68 -21.82 4.19
C20 VIA I . 4.24 -20.53 3.66
C16 VIA I . 5.67 -21.57 5.25
C15 VIA I . 5.92 -22.84 6.07
ZN ZN J . 0.80 27.45 0.91
MG MG K . 3.50 28.36 -2.32
C34 VIA L . 3.94 22.35 -3.37
C33 VIA L . 2.80 21.40 -3.00
C32 VIA L . 2.91 20.96 -1.54
C30 VIA L . 1.74 20.03 -1.19
N29 VIA L . 0.72 20.29 -0.36
N28 VIA L . -0.05 19.34 -0.34
C31 VIA L . -1.27 19.30 0.52
C24 VIA L . 0.33 18.35 -1.12
C23 VIA L . -0.18 17.09 -1.45
O27 VIA L . -1.22 16.67 -0.93
N22 VIA L . 0.52 16.30 -2.36
C21 VIA L . 1.71 16.78 -2.92
N26 VIA L . 2.18 17.99 -2.59
C25 VIA L . 1.51 18.76 -1.72
C9 VIA L . 2.47 15.97 -3.76
C8 VIA L . 3.84 15.86 -3.57
C7 VIA L . 4.58 15.04 -4.40
C6 VIA L . 3.97 14.32 -5.41
C5 VIA L . 2.59 14.43 -5.60
C4 VIA L . 1.84 15.25 -4.78
O3 VIA L . 0.51 15.43 -4.97
C2 VIA L . -0.08 14.32 -5.67
C1 VIA L . -1.59 14.58 -5.76
S10 VIA L . 6.32 14.93 -4.14
O11 VIA L . 6.80 13.56 -4.53
O12 VIA L . 6.60 15.14 -2.69
N14 VIA L . 7.13 16.03 -5.01
C19 VIA L . 6.27 16.97 -5.76
C18 VIA L . 5.84 18.18 -4.92
N17 VIA L . 7.02 18.83 -4.33
C20 VIA L . 6.60 20.02 -3.57
C16 VIA L . 7.65 17.87 -3.42
C15 VIA L . 8.19 16.69 -4.24
#